data_5SVX
# 
_entry.id   5SVX 
# 
_audit_conform.dict_name       mmcif_pdbx.dic 
_audit_conform.dict_version    5.403 
_audit_conform.dict_location   http://mmcif.pdb.org/dictionaries/ascii/mmcif_pdbx.dic 
# 
loop_
_database_2.database_id 
_database_2.database_code 
_database_2.pdbx_database_accession 
_database_2.pdbx_DOI 
PDB   5SVX         pdb_00005svx 10.2210/pdb5svx/pdb 
WWPDB D_1000223231 ?            ?                   
# 
loop_
_pdbx_audit_revision_history.ordinal 
_pdbx_audit_revision_history.data_content_type 
_pdbx_audit_revision_history.major_revision 
_pdbx_audit_revision_history.minor_revision 
_pdbx_audit_revision_history.revision_date 
_pdbx_audit_revision_history.part_number 
1 'Structure model' 1 0 2016-10-05 ? 
2 'Structure model' 1 1 2025-04-02 ? 
# 
_pdbx_audit_revision_details.ordinal             1 
_pdbx_audit_revision_details.revision_ordinal    1 
_pdbx_audit_revision_details.data_content_type   'Structure model' 
_pdbx_audit_revision_details.provider            repository 
_pdbx_audit_revision_details.type                'Initial release' 
_pdbx_audit_revision_details.description         ? 
_pdbx_audit_revision_details.details             ? 
# 
loop_
_pdbx_audit_revision_group.ordinal 
_pdbx_audit_revision_group.revision_ordinal 
_pdbx_audit_revision_group.data_content_type 
_pdbx_audit_revision_group.group 
1 2 'Structure model' 'Data collection'      
2 2 'Structure model' 'Database references'  
3 2 'Structure model' 'Derived calculations' 
4 2 'Structure model' 'Structure summary'    
# 
loop_
_pdbx_audit_revision_category.ordinal 
_pdbx_audit_revision_category.revision_ordinal 
_pdbx_audit_revision_category.data_content_type 
_pdbx_audit_revision_category.category 
1 2 'Structure model' chem_comp_atom            
2 2 'Structure model' chem_comp_bond            
3 2 'Structure model' database_2                
4 2 'Structure model' pdbx_entry_details        
5 2 'Structure model' pdbx_modification_feature 
6 2 'Structure model' pdbx_struct_oper_list     
7 2 'Structure model' struct_conn               
8 2 'Structure model' struct_conn_type          
# 
loop_
_pdbx_audit_revision_item.ordinal 
_pdbx_audit_revision_item.revision_ordinal 
_pdbx_audit_revision_item.data_content_type 
_pdbx_audit_revision_item.item 
1  2 'Structure model' '_database_2.pdbx_DOI'                      
2  2 'Structure model' '_database_2.pdbx_database_accession'       
3  2 'Structure model' '_pdbx_struct_oper_list.symmetry_operation' 
4  2 'Structure model' '_struct_conn.conn_type_id'                 
5  2 'Structure model' '_struct_conn.id'                           
6  2 'Structure model' '_struct_conn.pdbx_dist_value'              
7  2 'Structure model' '_struct_conn.pdbx_leaving_atom_flag'       
8  2 'Structure model' '_struct_conn.ptnr1_auth_asym_id'           
9  2 'Structure model' '_struct_conn.ptnr1_auth_comp_id'           
10 2 'Structure model' '_struct_conn.ptnr1_auth_seq_id'            
11 2 'Structure model' '_struct_conn.ptnr1_label_asym_id'          
12 2 'Structure model' '_struct_conn.ptnr1_label_atom_id'          
13 2 'Structure model' '_struct_conn.ptnr1_label_comp_id'          
14 2 'Structure model' '_struct_conn.ptnr1_label_seq_id'           
15 2 'Structure model' '_struct_conn.ptnr2_auth_asym_id'           
16 2 'Structure model' '_struct_conn.ptnr2_auth_comp_id'           
17 2 'Structure model' '_struct_conn.ptnr2_auth_seq_id'            
18 2 'Structure model' '_struct_conn.ptnr2_label_asym_id'          
19 2 'Structure model' '_struct_conn.ptnr2_label_atom_id'          
20 2 'Structure model' '_struct_conn.ptnr2_label_comp_id'          
21 2 'Structure model' '_struct_conn.ptnr2_label_seq_id'           
22 2 'Structure model' '_struct_conn_type.id'                      
# 
_pdbx_database_status.status_code                     REL 
_pdbx_database_status.status_code_sf                  REL 
_pdbx_database_status.status_code_mr                  ? 
_pdbx_database_status.entry_id                        5SVX 
_pdbx_database_status.recvd_initial_deposition_date   2016-08-08 
_pdbx_database_status.SG_entry                        N 
_pdbx_database_status.deposit_site                    RCSB 
_pdbx_database_status.process_site                    RCSB 
_pdbx_database_status.status_code_cs                  ? 
_pdbx_database_status.methods_development_category    ? 
_pdbx_database_status.pdb_format_compatible           Y 
_pdbx_database_status.status_code_nmr_data            ? 
# 
loop_
_pdbx_database_related.db_name 
_pdbx_database_related.details 
_pdbx_database_related.db_id 
_pdbx_database_related.content_type 
PDB . 5SVI unspecified 
PDB . 5SVY unspecified 
# 
loop_
_audit_author.name 
_audit_author.pdbx_ordinal 
'Tong, Q.'          1 
'Andrews, F.H.'     2 
'Kutateladze, T.G.' 3 
# 
_citation.abstract                  ? 
_citation.abstract_id_CAS           ? 
_citation.book_id_ISBN              ? 
_citation.book_publisher            ? 
_citation.book_publisher_city       ? 
_citation.book_title                ? 
_citation.coordinate_linkage        ? 
_citation.country                   US 
_citation.database_id_Medline       ? 
_citation.details                   ? 
_citation.id                        primary 
_citation.journal_abbrev            'Cell Rep' 
_citation.journal_id_ASTM           ? 
_citation.journal_id_CSD            ? 
_citation.journal_id_ISSN           2211-1247 
_citation.journal_full              ? 
_citation.journal_issue             ? 
_citation.journal_volume            16 
_citation.language                  ? 
_citation.page_first                3195 
_citation.page_last                 3207 
_citation.title                     'Multivalent Chromatin Engagement and Inter-domain Crosstalk Regulate MORC3 ATPase.' 
_citation.year                      2016 
_citation.database_id_CSD           ? 
_citation.pdbx_database_id_DOI      10.1016/j.celrep.2016.08.050 
_citation.pdbx_database_id_PubMed   27653685 
_citation.unpublished_flag          ? 
# 
loop_
_citation_author.citation_id 
_citation_author.name 
_citation_author.ordinal 
_citation_author.identifier_ORCID 
primary 'Andrews, F.H.'     1  ? 
primary 'Tong, Q.'          2  ? 
primary 'Sullivan, K.D.'    3  ? 
primary 'Cornett, E.M.'     4  ? 
primary 'Zhang, Y.'         5  ? 
primary 'Ali, M.'           6  ? 
primary 'Ahn, J.'           7  ? 
primary 'Pandey, A.'        8  ? 
primary 'Guo, A.H.'         9  ? 
primary 'Strahl, B.D.'      10 ? 
primary 'Costello, J.C.'    11 ? 
primary 'Espinosa, J.M.'    12 ? 
primary 'Rothbart, S.B.'    13 ? 
primary 'Kutateladze, T.G.' 14 ? 
# 
loop_
_entity.id 
_entity.type 
_entity.src_method 
_entity.pdbx_description 
_entity.formula_weight 
_entity.pdbx_number_of_molecules 
_entity.pdbx_ec 
_entity.pdbx_mutation 
_entity.pdbx_fragment 
_entity.details 
1 polymer     man 'MORC family CW-type zinc finger protein 3' 5847.418 1   ? ? 'unp residues 407-454' ? 
2 polymer     syn H3K4me3                                     1293.516 1   ? ? ?                      ? 
3 non-polymer man 'ZINC ION'                                  65.409   1   ? ? ?                      ? 
4 water       nat water                                       18.015   103 ? ? ?                      ? 
# 
_entity_name_com.entity_id   1 
_entity_name_com.name        'Nuclear matrix protein 2,Zinc finger CW-type coiled-coil domain protein 3' 
# 
loop_
_entity_poly.entity_id 
_entity_poly.type 
_entity_poly.nstd_linkage 
_entity_poly.nstd_monomer 
_entity_poly.pdbx_seq_one_letter_code 
_entity_poly.pdbx_seq_one_letter_code_can 
_entity_poly.pdbx_strand_id 
_entity_poly.pdbx_target_identifier 
1 'polypeptide(L)' no no  SDQTWVQCDACLKWRKLPDGMDQLPEKWYCSNNPDPQFRNCEVPEEPED SDQTWVQCDACLKWRKLPDGMDQLPEKWYCSNNPDPQFRNCEVPEEPED A ? 
2 'polypeptide(L)' no yes 'ART(M3L)QTARKST'                                 ARTKQTARKST                                       B ? 
# 
loop_
_pdbx_entity_nonpoly.entity_id 
_pdbx_entity_nonpoly.name 
_pdbx_entity_nonpoly.comp_id 
3 'ZINC ION' ZN  
4 water      HOH 
# 
loop_
_entity_poly_seq.entity_id 
_entity_poly_seq.num 
_entity_poly_seq.mon_id 
_entity_poly_seq.hetero 
1 1  SER n 
1 2  ASP n 
1 3  GLN n 
1 4  THR n 
1 5  TRP n 
1 6  VAL n 
1 7  GLN n 
1 8  CYS n 
1 9  ASP n 
1 10 ALA n 
1 11 CYS n 
1 12 LEU n 
1 13 LYS n 
1 14 TRP n 
1 15 ARG n 
1 16 LYS n 
1 17 LEU n 
1 18 PRO n 
1 19 ASP n 
1 20 GLY n 
1 21 MET n 
1 22 ASP n 
1 23 GLN n 
1 24 LEU n 
1 25 PRO n 
1 26 GLU n 
1 27 LYS n 
1 28 TRP n 
1 29 TYR n 
1 30 CYS n 
1 31 SER n 
1 32 ASN n 
1 33 ASN n 
1 34 PRO n 
1 35 ASP n 
1 36 PRO n 
1 37 GLN n 
1 38 PHE n 
1 39 ARG n 
1 40 ASN n 
1 41 CYS n 
1 42 GLU n 
1 43 VAL n 
1 44 PRO n 
1 45 GLU n 
1 46 GLU n 
1 47 PRO n 
1 48 GLU n 
1 49 ASP n 
2 1  ALA n 
2 2  ARG n 
2 3  THR n 
2 4  M3L n 
2 5  GLN n 
2 6  THR n 
2 7  ALA n 
2 8  ARG n 
2 9  LYS n 
2 10 SER n 
2 11 THR n 
# 
_entity_src_gen.entity_id                          1 
_entity_src_gen.pdbx_src_id                        1 
_entity_src_gen.pdbx_alt_source_flag               sample 
_entity_src_gen.pdbx_seq_type                      'Biological sequence' 
_entity_src_gen.pdbx_beg_seq_num                   1 
_entity_src_gen.pdbx_end_seq_num                   49 
_entity_src_gen.gene_src_common_name               Human 
_entity_src_gen.gene_src_genus                     ? 
_entity_src_gen.pdbx_gene_src_gene                 'MORC3, KIAA0136, NXP2, ZCWCC3' 
_entity_src_gen.gene_src_species                   ? 
_entity_src_gen.gene_src_strain                    ? 
_entity_src_gen.gene_src_tissue                    ? 
_entity_src_gen.gene_src_tissue_fraction           ? 
_entity_src_gen.gene_src_details                   ? 
_entity_src_gen.pdbx_gene_src_fragment             ? 
_entity_src_gen.pdbx_gene_src_scientific_name      'Homo sapiens' 
_entity_src_gen.pdbx_gene_src_ncbi_taxonomy_id     9606 
_entity_src_gen.pdbx_gene_src_variant              ? 
_entity_src_gen.pdbx_gene_src_cell_line            ? 
_entity_src_gen.pdbx_gene_src_atcc                 ? 
_entity_src_gen.pdbx_gene_src_organ                ? 
_entity_src_gen.pdbx_gene_src_organelle            ? 
_entity_src_gen.pdbx_gene_src_cell                 ? 
_entity_src_gen.pdbx_gene_src_cellular_location    ? 
_entity_src_gen.host_org_common_name               ? 
_entity_src_gen.pdbx_host_org_scientific_name      'Escherichia coli' 
_entity_src_gen.pdbx_host_org_ncbi_taxonomy_id     562 
_entity_src_gen.host_org_genus                     ? 
_entity_src_gen.pdbx_host_org_gene                 ? 
_entity_src_gen.pdbx_host_org_organ                ? 
_entity_src_gen.host_org_species                   ? 
_entity_src_gen.pdbx_host_org_tissue               ? 
_entity_src_gen.pdbx_host_org_tissue_fraction      ? 
_entity_src_gen.pdbx_host_org_strain               ? 
_entity_src_gen.pdbx_host_org_variant              ? 
_entity_src_gen.pdbx_host_org_cell_line            ? 
_entity_src_gen.pdbx_host_org_atcc                 ? 
_entity_src_gen.pdbx_host_org_culture_collection   ? 
_entity_src_gen.pdbx_host_org_cell                 ? 
_entity_src_gen.pdbx_host_org_organelle            ? 
_entity_src_gen.pdbx_host_org_cellular_location    ? 
_entity_src_gen.pdbx_host_org_vector_type          ? 
_entity_src_gen.pdbx_host_org_vector               ? 
_entity_src_gen.host_org_details                   ? 
_entity_src_gen.expression_system_id               ? 
_entity_src_gen.plasmid_name                       ? 
_entity_src_gen.plasmid_details                    ? 
_entity_src_gen.pdbx_description                   ? 
# 
_pdbx_entity_src_syn.entity_id              2 
_pdbx_entity_src_syn.pdbx_src_id            1 
_pdbx_entity_src_syn.pdbx_alt_source_flag   sample 
_pdbx_entity_src_syn.pdbx_beg_seq_num       1 
_pdbx_entity_src_syn.pdbx_end_seq_num       11 
_pdbx_entity_src_syn.organism_scientific    'Homo sapiens' 
_pdbx_entity_src_syn.organism_common_name   ? 
_pdbx_entity_src_syn.ncbi_taxonomy_id       9606 
_pdbx_entity_src_syn.details                ? 
# 
loop_
_chem_comp.id 
_chem_comp.type 
_chem_comp.mon_nstd_flag 
_chem_comp.name 
_chem_comp.pdbx_synonyms 
_chem_comp.formula 
_chem_comp.formula_weight 
ALA 'L-peptide linking' y ALANINE           ? 'C3 H7 N O2'     89.093  
ARG 'L-peptide linking' y ARGININE          ? 'C6 H15 N4 O2 1' 175.209 
ASN 'L-peptide linking' y ASPARAGINE        ? 'C4 H8 N2 O3'    132.118 
ASP 'L-peptide linking' y 'ASPARTIC ACID'   ? 'C4 H7 N O4'     133.103 
CYS 'L-peptide linking' y CYSTEINE          ? 'C3 H7 N O2 S'   121.158 
GLN 'L-peptide linking' y GLUTAMINE         ? 'C5 H10 N2 O3'   146.144 
GLU 'L-peptide linking' y 'GLUTAMIC ACID'   ? 'C5 H9 N O4'     147.129 
GLY 'peptide linking'   y GLYCINE           ? 'C2 H5 N O2'     75.067  
HOH non-polymer         . WATER             ? 'H2 O'           18.015  
LEU 'L-peptide linking' y LEUCINE           ? 'C6 H13 N O2'    131.173 
LYS 'L-peptide linking' y LYSINE            ? 'C6 H15 N2 O2 1' 147.195 
M3L 'L-peptide linking' n N-TRIMETHYLLYSINE ? 'C9 H21 N2 O2 1' 189.275 
MET 'L-peptide linking' y METHIONINE        ? 'C5 H11 N O2 S'  149.211 
PHE 'L-peptide linking' y PHENYLALANINE     ? 'C9 H11 N O2'    165.189 
PRO 'L-peptide linking' y PROLINE           ? 'C5 H9 N O2'     115.130 
SER 'L-peptide linking' y SERINE            ? 'C3 H7 N O3'     105.093 
THR 'L-peptide linking' y THREONINE         ? 'C4 H9 N O3'     119.119 
TRP 'L-peptide linking' y TRYPTOPHAN        ? 'C11 H12 N2 O2'  204.225 
TYR 'L-peptide linking' y TYROSINE          ? 'C9 H11 N O3'    181.189 
VAL 'L-peptide linking' y VALINE            ? 'C5 H11 N O2'    117.146 
ZN  non-polymer         . 'ZINC ION'        ? 'Zn 2'           65.409  
# 
loop_
_pdbx_poly_seq_scheme.asym_id 
_pdbx_poly_seq_scheme.entity_id 
_pdbx_poly_seq_scheme.seq_id 
_pdbx_poly_seq_scheme.mon_id 
_pdbx_poly_seq_scheme.ndb_seq_num 
_pdbx_poly_seq_scheme.pdb_seq_num 
_pdbx_poly_seq_scheme.auth_seq_num 
_pdbx_poly_seq_scheme.pdb_mon_id 
_pdbx_poly_seq_scheme.auth_mon_id 
_pdbx_poly_seq_scheme.pdb_strand_id 
_pdbx_poly_seq_scheme.pdb_ins_code 
_pdbx_poly_seq_scheme.hetero 
A 1 1  SER 1  0  0   SER SER A . n 
A 1 2  ASP 2  1  407 ASP ASP A . n 
A 1 3  GLN 3  2  408 GLN GLN A . n 
A 1 4  THR 4  3  409 THR THR A . n 
A 1 5  TRP 5  4  410 TRP TRP A . n 
A 1 6  VAL 6  5  411 VAL VAL A . n 
A 1 7  GLN 7  6  412 GLN GLN A . n 
A 1 8  CYS 8  7  413 CYS CYS A . n 
A 1 9  ASP 9  8  414 ASP ASP A . n 
A 1 10 ALA 10 9  415 ALA ALA A . n 
A 1 11 CYS 11 10 416 CYS CYS A . n 
A 1 12 LEU 12 11 417 LEU LEU A . n 
A 1 13 LYS 13 12 418 LYS LYS A . n 
A 1 14 TRP 14 13 419 TRP TRP A . n 
A 1 15 ARG 15 14 420 ARG ARG A . n 
A 1 16 LYS 16 15 421 LYS LYS A . n 
A 1 17 LEU 17 16 422 LEU LEU A . n 
A 1 18 PRO 18 17 423 PRO PRO A . n 
A 1 19 ASP 19 18 424 ASP ASP A . n 
A 1 20 GLY 20 19 425 GLY GLY A . n 
A 1 21 MET 21 20 426 MET MET A . n 
A 1 22 ASP 22 21 427 ASP ASP A . n 
A 1 23 GLN 23 22 428 GLN GLN A . n 
A 1 24 LEU 24 23 429 LEU LEU A . n 
A 1 25 PRO 25 24 430 PRO PRO A . n 
A 1 26 GLU 26 25 431 GLU GLU A . n 
A 1 27 LYS 27 26 432 LYS LYS A . n 
A 1 28 TRP 28 27 433 TRP TRP A . n 
A 1 29 TYR 29 28 434 TYR TYR A . n 
A 1 30 CYS 30 29 435 CYS CYS A . n 
A 1 31 SER 31 30 436 SER SER A . n 
A 1 32 ASN 32 31 437 ASN ASN A . n 
A 1 33 ASN 33 32 438 ASN ASN A . n 
A 1 34 PRO 34 33 439 PRO PRO A . n 
A 1 35 ASP 35 34 440 ASP ASP A . n 
A 1 36 PRO 36 35 441 PRO PRO A . n 
A 1 37 GLN 37 36 442 GLN GLN A . n 
A 1 38 PHE 38 37 443 PHE PHE A . n 
A 1 39 ARG 39 38 444 ARG ARG A . n 
A 1 40 ASN 40 39 445 ASN ASN A . n 
A 1 41 CYS 41 40 446 CYS CYS A . n 
A 1 42 GLU 42 41 447 GLU GLU A . n 
A 1 43 VAL 43 42 448 VAL VAL A . n 
A 1 44 PRO 44 43 449 PRO PRO A . n 
A 1 45 GLU 45 44 450 GLU GLU A . n 
A 1 46 GLU 46 45 451 GLU GLU A . n 
A 1 47 PRO 47 46 452 PRO PRO A . n 
A 1 48 GLU 48 47 453 GLU GLU A . n 
A 1 49 ASP 49 48 454 ASP ASP A . n 
B 2 1  ALA 1  1  1   ALA ALA B . n 
B 2 2  ARG 2  2  2   ARG ARG B . n 
B 2 3  THR 3  3  3   THR THR B . n 
B 2 4  M3L 4  4  4   M3L M3L B . n 
B 2 5  GLN 5  5  5   GLN GLN B . n 
B 2 6  THR 6  6  6   THR THR B . n 
B 2 7  ALA 7  7  7   ALA ALA B . n 
B 2 8  ARG 8  8  8   ARG ARG B . n 
B 2 9  LYS 9  9  9   LYS LYS B . n 
B 2 10 SER 10 10 10  SER SER B . n 
B 2 11 THR 11 11 11  THR THR B . n 
# 
loop_
_pdbx_nonpoly_scheme.asym_id 
_pdbx_nonpoly_scheme.entity_id 
_pdbx_nonpoly_scheme.mon_id 
_pdbx_nonpoly_scheme.ndb_seq_num 
_pdbx_nonpoly_scheme.pdb_seq_num 
_pdbx_nonpoly_scheme.auth_seq_num 
_pdbx_nonpoly_scheme.pdb_mon_id 
_pdbx_nonpoly_scheme.auth_mon_id 
_pdbx_nonpoly_scheme.pdb_strand_id 
_pdbx_nonpoly_scheme.pdb_ins_code 
C 3 ZN  1  100 100 ZN  ZN  A . 
D 4 HOH 1  201 70  HOH HOH A . 
D 4 HOH 2  202 98  HOH HOH A . 
D 4 HOH 3  203 63  HOH HOH A . 
D 4 HOH 4  204 77  HOH HOH A . 
D 4 HOH 5  205 75  HOH HOH A . 
D 4 HOH 6  206 41  HOH HOH A . 
D 4 HOH 7  207 99  HOH HOH A . 
D 4 HOH 8  208 59  HOH HOH A . 
D 4 HOH 9  209 12  HOH HOH A . 
D 4 HOH 10 210 23  HOH HOH A . 
D 4 HOH 11 211 73  HOH HOH A . 
D 4 HOH 12 212 52  HOH HOH A . 
D 4 HOH 13 213 34  HOH HOH A . 
D 4 HOH 14 214 65  HOH HOH A . 
D 4 HOH 15 215 11  HOH HOH A . 
D 4 HOH 16 216 15  HOH HOH A . 
D 4 HOH 17 217 3   HOH HOH A . 
D 4 HOH 18 218 7   HOH HOH A . 
D 4 HOH 19 219 28  HOH HOH A . 
D 4 HOH 20 220 5   HOH HOH A . 
D 4 HOH 21 221 25  HOH HOH A . 
D 4 HOH 22 222 6   HOH HOH A . 
D 4 HOH 23 223 1   HOH HOH A . 
D 4 HOH 24 224 38  HOH HOH A . 
D 4 HOH 25 225 4   HOH HOH A . 
D 4 HOH 26 226 44  HOH HOH A . 
D 4 HOH 27 227 24  HOH HOH A . 
D 4 HOH 28 228 89  HOH HOH A . 
D 4 HOH 29 229 33  HOH HOH A . 
D 4 HOH 30 230 32  HOH HOH A . 
D 4 HOH 31 231 2   HOH HOH A . 
D 4 HOH 32 232 18  HOH HOH A . 
D 4 HOH 33 233 10  HOH HOH A . 
D 4 HOH 34 234 19  HOH HOH A . 
D 4 HOH 35 235 14  HOH HOH A . 
D 4 HOH 36 236 49  HOH HOH A . 
D 4 HOH 37 237 45  HOH HOH A . 
D 4 HOH 38 238 95  HOH HOH A . 
D 4 HOH 39 239 17  HOH HOH A . 
D 4 HOH 40 240 8   HOH HOH A . 
D 4 HOH 41 241 66  HOH HOH A . 
D 4 HOH 42 242 54  HOH HOH A . 
D 4 HOH 43 243 91  HOH HOH A . 
D 4 HOH 44 244 51  HOH HOH A . 
D 4 HOH 45 245 67  HOH HOH A . 
D 4 HOH 46 246 82  HOH HOH A . 
D 4 HOH 47 247 62  HOH HOH A . 
D 4 HOH 48 248 13  HOH HOH A . 
D 4 HOH 49 249 43  HOH HOH A . 
D 4 HOH 50 250 40  HOH HOH A . 
D 4 HOH 51 251 78  HOH HOH A . 
D 4 HOH 52 252 85  HOH HOH A . 
D 4 HOH 53 253 37  HOH HOH A . 
D 4 HOH 54 254 29  HOH HOH A . 
D 4 HOH 55 255 92  HOH HOH A . 
D 4 HOH 56 256 103 HOH HOH A . 
D 4 HOH 57 257 86  HOH HOH A . 
D 4 HOH 58 258 21  HOH HOH A . 
D 4 HOH 59 259 22  HOH HOH A . 
D 4 HOH 60 260 30  HOH HOH A . 
D 4 HOH 61 261 88  HOH HOH A . 
D 4 HOH 62 262 84  HOH HOH A . 
D 4 HOH 63 263 46  HOH HOH A . 
D 4 HOH 64 264 61  HOH HOH A . 
D 4 HOH 65 265 42  HOH HOH A . 
D 4 HOH 66 266 87  HOH HOH A . 
D 4 HOH 67 267 39  HOH HOH A . 
D 4 HOH 68 268 31  HOH HOH A . 
D 4 HOH 69 269 58  HOH HOH A . 
D 4 HOH 70 270 80  HOH HOH A . 
D 4 HOH 71 271 48  HOH HOH A . 
D 4 HOH 72 272 69  HOH HOH A . 
D 4 HOH 73 273 57  HOH HOH A . 
D 4 HOH 74 274 102 HOH HOH A . 
D 4 HOH 75 275 50  HOH HOH A . 
D 4 HOH 76 276 76  HOH HOH A . 
D 4 HOH 77 277 74  HOH HOH A . 
D 4 HOH 78 278 101 HOH HOH A . 
D 4 HOH 79 279 26  HOH HOH A . 
D 4 HOH 80 280 72  HOH HOH A . 
D 4 HOH 81 281 97  HOH HOH A . 
D 4 HOH 82 282 71  HOH HOH A . 
D 4 HOH 83 283 81  HOH HOH A . 
D 4 HOH 84 284 94  HOH HOH A . 
D 4 HOH 85 285 53  HOH HOH A . 
D 4 HOH 86 286 56  HOH HOH A . 
D 4 HOH 87 287 79  HOH HOH A . 
D 4 HOH 88 288 93  HOH HOH A . 
D 4 HOH 89 289 100 HOH HOH A . 
D 4 HOH 90 290 96  HOH HOH A . 
E 4 HOH 1  101 35  HOH HOH B . 
E 4 HOH 2  102 36  HOH HOH B . 
E 4 HOH 3  103 55  HOH HOH B . 
E 4 HOH 4  104 27  HOH HOH B . 
E 4 HOH 5  105 60  HOH HOH B . 
E 4 HOH 6  106 68  HOH HOH B . 
E 4 HOH 7  107 90  HOH HOH B . 
E 4 HOH 8  108 9   HOH HOH B . 
E 4 HOH 9  109 16  HOH HOH B . 
E 4 HOH 10 110 20  HOH HOH B . 
E 4 HOH 11 111 47  HOH HOH B . 
E 4 HOH 12 112 83  HOH HOH B . 
E 4 HOH 13 113 64  HOH HOH B . 
# 
loop_
_software.citation_id 
_software.classification 
_software.compiler_name 
_software.compiler_version 
_software.contact_author 
_software.contact_author_email 
_software.date 
_software.description 
_software.dependencies 
_software.hardware 
_software.language 
_software.location 
_software.mods 
_software.name 
_software.os 
_software.os_version 
_software.type 
_software.version 
_software.pdbx_ordinal 
? refinement       ? ? ? ? ? ? ? ? ? ? ? PHENIX   ? ? ? 1.8.4_1496 1 
? 'data reduction' ? ? ? ? ? ? ? ? ? ? ? HKL-2000 ? ? ? .          2 
? 'data scaling'   ? ? ? ? ? ? ? ? ? ? ? HKL-2000 ? ? ? .          3 
? phasing          ? ? ? ? ? ? ? ? ? ? ? PHASER   ? ? ? .          4 
# 
_cell.angle_alpha                  90.00 
_cell.angle_alpha_esd              ? 
_cell.angle_beta                   90.00 
_cell.angle_beta_esd               ? 
_cell.angle_gamma                  90.00 
_cell.angle_gamma_esd              ? 
_cell.entry_id                     5SVX 
_cell.details                      ? 
_cell.formula_units_Z              ? 
_cell.length_a                     31.250 
_cell.length_a_esd                 ? 
_cell.length_b                     68.550 
_cell.length_b_esd                 ? 
_cell.length_c                     26.530 
_cell.length_c_esd                 ? 
_cell.volume                       ? 
_cell.volume_esd                   ? 
_cell.Z_PDB                        4 
_cell.reciprocal_angle_alpha       ? 
_cell.reciprocal_angle_beta        ? 
_cell.reciprocal_angle_gamma       ? 
_cell.reciprocal_angle_alpha_esd   ? 
_cell.reciprocal_angle_beta_esd    ? 
_cell.reciprocal_angle_gamma_esd   ? 
_cell.reciprocal_length_a          ? 
_cell.reciprocal_length_b          ? 
_cell.reciprocal_length_c          ? 
_cell.reciprocal_length_a_esd      ? 
_cell.reciprocal_length_b_esd      ? 
_cell.reciprocal_length_c_esd      ? 
_cell.pdbx_unique_axis             ? 
# 
_symmetry.entry_id                         5SVX 
_symmetry.cell_setting                     ? 
_symmetry.Int_Tables_number                18 
_symmetry.space_group_name_Hall            ? 
_symmetry.space_group_name_H-M             'P 21 21 2' 
_symmetry.pdbx_full_space_group_name_H-M   ? 
# 
_exptl.absorpt_coefficient_mu     ? 
_exptl.absorpt_correction_T_max   ? 
_exptl.absorpt_correction_T_min   ? 
_exptl.absorpt_correction_type    ? 
_exptl.absorpt_process_details    ? 
_exptl.entry_id                   5SVX 
_exptl.crystals_number            1 
_exptl.details                    ? 
_exptl.method                     'X-RAY DIFFRACTION' 
_exptl.method_details             ? 
# 
_exptl_crystal.colour                      ? 
_exptl_crystal.density_diffrn              ? 
_exptl_crystal.density_Matthews            1.98 
_exptl_crystal.density_method              ? 
_exptl_crystal.density_percent_sol         37.77 
_exptl_crystal.description                 ? 
_exptl_crystal.F_000                       ? 
_exptl_crystal.id                          1 
_exptl_crystal.preparation                 ? 
_exptl_crystal.size_max                    ? 
_exptl_crystal.size_mid                    ? 
_exptl_crystal.size_min                    ? 
_exptl_crystal.size_rad                    ? 
_exptl_crystal.colour_lustre               ? 
_exptl_crystal.colour_modifier             ? 
_exptl_crystal.colour_primary              ? 
_exptl_crystal.density_meas                ? 
_exptl_crystal.density_meas_esd            ? 
_exptl_crystal.density_meas_gt             ? 
_exptl_crystal.density_meas_lt             ? 
_exptl_crystal.density_meas_temp           ? 
_exptl_crystal.density_meas_temp_esd       ? 
_exptl_crystal.density_meas_temp_gt        ? 
_exptl_crystal.density_meas_temp_lt        ? 
_exptl_crystal.pdbx_crystal_image_url      ? 
_exptl_crystal.pdbx_crystal_image_format   ? 
_exptl_crystal.pdbx_mosaicity              ? 
_exptl_crystal.pdbx_mosaicity_esd          ? 
# 
_exptl_crystal_grow.apparatus       ? 
_exptl_crystal_grow.atmosphere      ? 
_exptl_crystal_grow.crystal_id      1 
_exptl_crystal_grow.details         ? 
_exptl_crystal_grow.method          'VAPOR DIFFUSION, HANGING DROP' 
_exptl_crystal_grow.method_ref      ? 
_exptl_crystal_grow.pH              ? 
_exptl_crystal_grow.pressure        ? 
_exptl_crystal_grow.pressure_esd    ? 
_exptl_crystal_grow.seeding         ? 
_exptl_crystal_grow.seeding_ref     ? 
_exptl_crystal_grow.temp            298 
_exptl_crystal_grow.temp_details    ? 
_exptl_crystal_grow.temp_esd        ? 
_exptl_crystal_grow.time            ? 
_exptl_crystal_grow.pdbx_details    '2.5 M (NH4)SO4, 0.1 M sodium acetate' 
_exptl_crystal_grow.pdbx_pH_range   ? 
# 
_diffrn.ambient_environment    ? 
_diffrn.ambient_temp           100 
_diffrn.ambient_temp_details   ? 
_diffrn.ambient_temp_esd       ? 
_diffrn.crystal_id             1 
_diffrn.crystal_support        ? 
_diffrn.crystal_treatment      ? 
_diffrn.details                ? 
_diffrn.id                     1 
_diffrn.ambient_pressure       ? 
_diffrn.ambient_pressure_esd   ? 
_diffrn.ambient_pressure_gt    ? 
_diffrn.ambient_pressure_lt    ? 
_diffrn.ambient_temp_gt        ? 
_diffrn.ambient_temp_lt        ? 
# 
_diffrn_detector.details                      ? 
_diffrn_detector.detector                     PIXEL 
_diffrn_detector.diffrn_id                    1 
_diffrn_detector.type                         'DECTRIS PILATUS3 R CdTe 300K' 
_diffrn_detector.area_resol_mean              ? 
_diffrn_detector.dtime                        ? 
_diffrn_detector.pdbx_frames_total            ? 
_diffrn_detector.pdbx_collection_time_total   ? 
_diffrn_detector.pdbx_collection_date         2014-09-04 
# 
_diffrn_radiation.collimation                      ? 
_diffrn_radiation.diffrn_id                        1 
_diffrn_radiation.filter_edge                      ? 
_diffrn_radiation.inhomogeneity                    ? 
_diffrn_radiation.monochromator                    ? 
_diffrn_radiation.polarisn_norm                    ? 
_diffrn_radiation.polarisn_ratio                   ? 
_diffrn_radiation.probe                            ? 
_diffrn_radiation.type                             ? 
_diffrn_radiation.xray_symbol                      ? 
_diffrn_radiation.wavelength_id                    1 
_diffrn_radiation.pdbx_monochromatic_or_laue_m_l   M 
_diffrn_radiation.pdbx_wavelength_list             ? 
_diffrn_radiation.pdbx_wavelength                  ? 
_diffrn_radiation.pdbx_diffrn_protocol             'SINGLE WAVELENGTH' 
_diffrn_radiation.pdbx_analyzer                    ? 
_diffrn_radiation.pdbx_scattering_type             x-ray 
# 
_diffrn_radiation_wavelength.id           1 
_diffrn_radiation_wavelength.wavelength   1.28 
_diffrn_radiation_wavelength.wt           1.0 
# 
_diffrn_source.current                     ? 
_diffrn_source.details                     ? 
_diffrn_source.diffrn_id                   1 
_diffrn_source.power                       ? 
_diffrn_source.size                        ? 
_diffrn_source.source                      SYNCHROTRON 
_diffrn_source.target                      ? 
_diffrn_source.type                        'ALS BEAMLINE 4.2.2' 
_diffrn_source.voltage                     ? 
_diffrn_source.take-off_angle              ? 
_diffrn_source.pdbx_wavelength_list        1.28 
_diffrn_source.pdbx_wavelength             ? 
_diffrn_source.pdbx_synchrotron_beamline   4.2.2 
_diffrn_source.pdbx_synchrotron_site       ALS 
# 
_reflns.B_iso_Wilson_estimate            ? 
_reflns.entry_id                         5SVX 
_reflns.data_reduction_details           ? 
_reflns.data_reduction_method            ? 
_reflns.d_resolution_high                1.56 
_reflns.d_resolution_low                 34.32 
_reflns.details                          ? 
_reflns.limit_h_max                      ? 
_reflns.limit_h_min                      ? 
_reflns.limit_k_max                      ? 
_reflns.limit_k_min                      ? 
_reflns.limit_l_max                      ? 
_reflns.limit_l_min                      ? 
_reflns.number_all                       ? 
_reflns.number_obs                       15728 
_reflns.observed_criterion               ? 
_reflns.observed_criterion_F_max         ? 
_reflns.observed_criterion_F_min         ? 
_reflns.observed_criterion_I_max         ? 
_reflns.observed_criterion_I_min         ? 
_reflns.observed_criterion_sigma_F       ? 
_reflns.observed_criterion_sigma_I       ? 
_reflns.percent_possible_obs             100 
_reflns.R_free_details                   ? 
_reflns.Rmerge_F_all                     ? 
_reflns.Rmerge_F_obs                     ? 
_reflns.Friedel_coverage                 ? 
_reflns.number_gt                        ? 
_reflns.threshold_expression             ? 
_reflns.pdbx_redundancy                  17.6 
_reflns.pdbx_Rmerge_I_obs                ? 
_reflns.pdbx_Rmerge_I_all                ? 
_reflns.pdbx_Rsym_value                  ? 
_reflns.pdbx_netI_over_av_sigmaI         ? 
_reflns.pdbx_netI_over_sigmaI            24.3 
_reflns.pdbx_res_netI_over_av_sigmaI_2   ? 
_reflns.pdbx_res_netI_over_sigmaI_2      ? 
_reflns.pdbx_chi_squared                 ? 
_reflns.pdbx_scaling_rejects             ? 
_reflns.pdbx_d_res_high_opt              ? 
_reflns.pdbx_d_res_low_opt               ? 
_reflns.pdbx_d_res_opt_method            ? 
_reflns.phase_calculation_details        ? 
_reflns.pdbx_Rrim_I_all                  ? 
_reflns.pdbx_Rpim_I_all                  ? 
_reflns.pdbx_d_opt                       ? 
_reflns.pdbx_number_measured_all         ? 
_reflns.pdbx_diffrn_id                   1 
_reflns.pdbx_ordinal                     1 
_reflns.pdbx_CC_half                     ? 
_reflns.pdbx_R_split                     ? 
# 
_reflns_shell.d_res_high                  1.56 
_reflns_shell.d_res_low                   1.60 
_reflns_shell.meanI_over_sigI_all         ? 
_reflns_shell.meanI_over_sigI_obs         ? 
_reflns_shell.number_measured_all         ? 
_reflns_shell.number_measured_obs         ? 
_reflns_shell.number_possible             ? 
_reflns_shell.number_unique_all           ? 
_reflns_shell.number_unique_obs           ? 
_reflns_shell.percent_possible_all        99.7 
_reflns_shell.percent_possible_obs        ? 
_reflns_shell.Rmerge_F_all                ? 
_reflns_shell.Rmerge_F_obs                ? 
_reflns_shell.Rmerge_I_all                ? 
_reflns_shell.Rmerge_I_obs                0.18 
_reflns_shell.meanI_over_sigI_gt          ? 
_reflns_shell.meanI_over_uI_all           ? 
_reflns_shell.meanI_over_uI_gt            ? 
_reflns_shell.number_measured_gt          ? 
_reflns_shell.number_unique_gt            ? 
_reflns_shell.percent_possible_gt         ? 
_reflns_shell.Rmerge_F_gt                 ? 
_reflns_shell.Rmerge_I_gt                 ? 
_reflns_shell.pdbx_redundancy             15.0 
_reflns_shell.pdbx_Rsym_value             ? 
_reflns_shell.pdbx_chi_squared            ? 
_reflns_shell.pdbx_netI_over_sigmaI_all   ? 
_reflns_shell.pdbx_netI_over_sigmaI_obs   ? 
_reflns_shell.pdbx_Rrim_I_all             ? 
_reflns_shell.pdbx_Rpim_I_all             ? 
_reflns_shell.pdbx_rejects                ? 
_reflns_shell.pdbx_ordinal                1 
_reflns_shell.pdbx_diffrn_id              1 
_reflns_shell.pdbx_CC_half                ? 
_reflns_shell.pdbx_R_split                ? 
# 
_refine.aniso_B[1][1]                            ? 
_refine.aniso_B[1][2]                            ? 
_refine.aniso_B[1][3]                            ? 
_refine.aniso_B[2][2]                            ? 
_refine.aniso_B[2][3]                            ? 
_refine.aniso_B[3][3]                            ? 
_refine.B_iso_max                                ? 
_refine.B_iso_mean                               ? 
_refine.B_iso_min                                ? 
_refine.correlation_coeff_Fo_to_Fc               ? 
_refine.correlation_coeff_Fo_to_Fc_free          ? 
_refine.details                                  ? 
_refine.diff_density_max                         ? 
_refine.diff_density_max_esd                     ? 
_refine.diff_density_min                         ? 
_refine.diff_density_min_esd                     ? 
_refine.diff_density_rms                         ? 
_refine.diff_density_rms_esd                     ? 
_refine.entry_id                                 5SVX 
_refine.pdbx_refine_id                           'X-RAY DIFFRACTION' 
_refine.ls_abs_structure_details                 ? 
_refine.ls_abs_structure_Flack                   ? 
_refine.ls_abs_structure_Flack_esd               ? 
_refine.ls_abs_structure_Rogers                  ? 
_refine.ls_abs_structure_Rogers_esd              ? 
_refine.ls_d_res_high                            1.56 
_refine.ls_d_res_low                             34.275 
_refine.ls_extinction_coef                       ? 
_refine.ls_extinction_coef_esd                   ? 
_refine.ls_extinction_expression                 ? 
_refine.ls_extinction_method                     ? 
_refine.ls_goodness_of_fit_all                   ? 
_refine.ls_goodness_of_fit_all_esd               ? 
_refine.ls_goodness_of_fit_obs                   ? 
_refine.ls_goodness_of_fit_obs_esd               ? 
_refine.ls_hydrogen_treatment                    ? 
_refine.ls_matrix_type                           ? 
_refine.ls_number_constraints                    ? 
_refine.ls_number_parameters                     ? 
_refine.ls_number_reflns_all                     ? 
_refine.ls_number_reflns_obs                     15728 
_refine.ls_number_reflns_R_free                  771 
_refine.ls_number_reflns_R_work                  ? 
_refine.ls_number_restraints                     ? 
_refine.ls_percent_reflns_obs                    99.95 
_refine.ls_percent_reflns_R_free                 4.90 
_refine.ls_R_factor_all                          ? 
_refine.ls_R_factor_obs                          0.1446 
_refine.ls_R_factor_R_free                       0.1780 
_refine.ls_R_factor_R_free_error                 ? 
_refine.ls_R_factor_R_free_error_details         ? 
_refine.ls_R_factor_R_work                       0.1429 
_refine.ls_R_Fsqd_factor_obs                     ? 
_refine.ls_R_I_factor_obs                        ? 
_refine.ls_redundancy_reflns_all                 ? 
_refine.ls_redundancy_reflns_obs                 ? 
_refine.ls_restrained_S_all                      ? 
_refine.ls_restrained_S_obs                      ? 
_refine.ls_shift_over_esd_max                    ? 
_refine.ls_shift_over_esd_mean                   ? 
_refine.ls_structure_factor_coef                 ? 
_refine.ls_weighting_details                     ? 
_refine.ls_weighting_scheme                      ? 
_refine.ls_wR_factor_all                         ? 
_refine.ls_wR_factor_obs                         ? 
_refine.ls_wR_factor_R_free                      ? 
_refine.ls_wR_factor_R_work                      ? 
_refine.occupancy_max                            ? 
_refine.occupancy_min                            ? 
_refine.solvent_model_details                    ? 
_refine.solvent_model_param_bsol                 ? 
_refine.solvent_model_param_ksol                 ? 
_refine.ls_R_factor_gt                           ? 
_refine.ls_goodness_of_fit_gt                    ? 
_refine.ls_goodness_of_fit_ref                   ? 
_refine.ls_shift_over_su_max                     ? 
_refine.ls_shift_over_su_max_lt                  ? 
_refine.ls_shift_over_su_mean                    ? 
_refine.ls_shift_over_su_mean_lt                 ? 
_refine.pdbx_ls_sigma_I                          ? 
_refine.pdbx_ls_sigma_F                          1.34 
_refine.pdbx_ls_sigma_Fsqd                       ? 
_refine.pdbx_data_cutoff_high_absF               ? 
_refine.pdbx_data_cutoff_high_rms_absF           ? 
_refine.pdbx_data_cutoff_low_absF                ? 
_refine.pdbx_isotropic_thermal_model             ? 
_refine.pdbx_ls_cross_valid_method               'FREE R-VALUE' 
_refine.pdbx_method_to_determine_struct          SAD 
_refine.pdbx_starting_model                      ? 
_refine.pdbx_stereochemistry_target_values       ? 
_refine.pdbx_R_Free_selection_details            ? 
_refine.pdbx_stereochem_target_val_spec_case     ? 
_refine.pdbx_overall_ESU_R                       ? 
_refine.pdbx_overall_ESU_R_Free                  ? 
_refine.pdbx_solvent_vdw_probe_radii             1.11 
_refine.pdbx_solvent_ion_probe_radii             ? 
_refine.pdbx_solvent_shrinkage_radii             0.90 
_refine.pdbx_real_space_R                        ? 
_refine.pdbx_density_correlation                 ? 
_refine.pdbx_pd_number_of_powder_patterns        ? 
_refine.pdbx_pd_number_of_points                 ? 
_refine.pdbx_pd_meas_number_of_points            ? 
_refine.pdbx_pd_proc_ls_prof_R_factor            ? 
_refine.pdbx_pd_proc_ls_prof_wR_factor           ? 
_refine.pdbx_pd_Marquardt_correlation_coeff      ? 
_refine.pdbx_pd_Fsqrd_R_factor                   ? 
_refine.pdbx_pd_ls_matrix_band_width             ? 
_refine.pdbx_overall_phase_error                 14.84 
_refine.pdbx_overall_SU_R_free_Cruickshank_DPI   ? 
_refine.pdbx_overall_SU_R_free_Blow_DPI          ? 
_refine.pdbx_overall_SU_R_Blow_DPI               ? 
_refine.pdbx_TLS_residual_ADP_flag               ? 
_refine.pdbx_diffrn_id                           1 
_refine.overall_SU_B                             ? 
_refine.overall_SU_ML                            0.07 
_refine.overall_SU_R_Cruickshank_DPI             ? 
_refine.overall_SU_R_free                        ? 
_refine.overall_FOM_free_R_set                   ? 
_refine.overall_FOM_work_R_set                   ? 
_refine.pdbx_average_fsc_overall                 ? 
_refine.pdbx_average_fsc_work                    ? 
_refine.pdbx_average_fsc_free                    ? 
# 
_refine_hist.pdbx_refine_id                   'X-RAY DIFFRACTION' 
_refine_hist.cycle_id                         LAST 
_refine_hist.pdbx_number_atoms_protein        497 
_refine_hist.pdbx_number_atoms_nucleic_acid   0 
_refine_hist.pdbx_number_atoms_ligand         0 
_refine_hist.number_atoms_solvent             103 
_refine_hist.number_atoms_total               600 
_refine_hist.d_res_high                       1.56 
_refine_hist.d_res_low                        34.275 
# 
loop_
_refine_ls_restr.pdbx_refine_id 
_refine_ls_restr.criterion 
_refine_ls_restr.dev_ideal 
_refine_ls_restr.dev_ideal_target 
_refine_ls_restr.number 
_refine_ls_restr.rejects 
_refine_ls_restr.type 
_refine_ls_restr.weight 
_refine_ls_restr.pdbx_restraint_function 
'X-RAY DIFFRACTION' ? 0.004  ? 508 ? f_bond_d           ? ? 
'X-RAY DIFFRACTION' ? 1.009  ? 690 ? f_angle_d          ? ? 
'X-RAY DIFFRACTION' ? 17.797 ? 197 ? f_dihedral_angle_d ? ? 
'X-RAY DIFFRACTION' ? 0.039  ? 68  ? f_chiral_restr     ? ? 
'X-RAY DIFFRACTION' ? 0.004  ? 92  ? f_plane_restr      ? ? 
# 
loop_
_refine_ls_shell.pdbx_refine_id 
_refine_ls_shell.d_res_high 
_refine_ls_shell.d_res_low 
_refine_ls_shell.number_reflns_all 
_refine_ls_shell.number_reflns_obs 
_refine_ls_shell.number_reflns_R_free 
_refine_ls_shell.number_reflns_R_work 
_refine_ls_shell.percent_reflns_obs 
_refine_ls_shell.percent_reflns_R_free 
_refine_ls_shell.R_factor_all 
_refine_ls_shell.R_factor_obs 
_refine_ls_shell.R_factor_R_free 
_refine_ls_shell.R_factor_R_free_error 
_refine_ls_shell.R_factor_R_work 
_refine_ls_shell.redundancy_reflns_all 
_refine_ls_shell.redundancy_reflns_obs 
_refine_ls_shell.wR_factor_all 
_refine_ls_shell.wR_factor_obs 
_refine_ls_shell.wR_factor_R_free 
_refine_ls_shell.wR_factor_R_work 
_refine_ls_shell.pdbx_total_number_of_bins_used 
_refine_ls_shell.pdbx_phase_error 
_refine_ls_shell.pdbx_fsc_work 
_refine_ls_shell.pdbx_fsc_free 
'X-RAY DIFFRACTION' 1.5581 1.6557  . . 128 2485 100.00 . . . 0.1837 . 0.1360 . . . . . . . . . . 
'X-RAY DIFFRACTION' 1.6557 1.7835  . . 122 2503 100.00 . . . 0.1656 . 0.1345 . . . . . . . . . . 
'X-RAY DIFFRACTION' 1.7835 1.9630  . . 129 2486 100.00 . . . 0.1737 . 0.1307 . . . . . . . . . . 
'X-RAY DIFFRACTION' 1.9630 2.2470  . . 134 2498 100.00 . . . 0.1573 . 0.1290 . . . . . . . . . . 
'X-RAY DIFFRACTION' 2.2470 2.8308  . . 129 2490 100.00 . . . 0.1849 . 0.1462 . . . . . . . . . . 
'X-RAY DIFFRACTION' 2.8308 34.2833 . . 129 2495 100.00 . . . 0.1886 . 0.1581 . . . . . . . . . . 
# 
_struct.entry_id                     5SVX 
_struct.title                        'MORC3 CW in complex with histone H3K4me3' 
_struct.pdbx_model_details           ? 
_struct.pdbx_formula_weight          ? 
_struct.pdbx_formula_weight_method   ? 
_struct.pdbx_model_type_details      ? 
_struct.pdbx_CASP_flag               N 
# 
_struct_keywords.entry_id        5SVX 
_struct_keywords.text            'reader, histone, chromatin, methylation, methyllysine, TRANSCRIPTION' 
_struct_keywords.pdbx_keywords   TRANSCRIPTION 
# 
loop_
_struct_asym.id 
_struct_asym.pdbx_blank_PDB_chainid_flag 
_struct_asym.pdbx_modified 
_struct_asym.entity_id 
_struct_asym.details 
A N N 1 ? 
B N N 2 ? 
C N N 3 ? 
D N N 4 ? 
E N N 4 ? 
# 
loop_
_struct_ref.id 
_struct_ref.db_name 
_struct_ref.db_code 
_struct_ref.pdbx_db_accession 
_struct_ref.pdbx_db_isoform 
_struct_ref.entity_id 
_struct_ref.pdbx_seq_one_letter_code 
_struct_ref.pdbx_align_begin 
1 UNP MORC3_HUMAN Q14149 ? 1 DQTWVQCDACLKWRKLPDGMDQLPEKWYCSNNPDPQFRNCEVPEEPED 407 
2 PDB 5SVX        5SVX   ? 2 ?                                                1   
# 
loop_
_struct_ref_seq.align_id 
_struct_ref_seq.ref_id 
_struct_ref_seq.pdbx_PDB_id_code 
_struct_ref_seq.pdbx_strand_id 
_struct_ref_seq.seq_align_beg 
_struct_ref_seq.pdbx_seq_align_beg_ins_code 
_struct_ref_seq.seq_align_end 
_struct_ref_seq.pdbx_seq_align_end_ins_code 
_struct_ref_seq.pdbx_db_accession 
_struct_ref_seq.db_align_beg 
_struct_ref_seq.pdbx_db_align_beg_ins_code 
_struct_ref_seq.db_align_end 
_struct_ref_seq.pdbx_db_align_end_ins_code 
_struct_ref_seq.pdbx_auth_seq_align_beg 
_struct_ref_seq.pdbx_auth_seq_align_end 
1 1 5SVX A 2 ? 49 ? Q14149 407 ? 454 ? 1 48 
2 2 5SVX B 1 ? 11 ? 5SVX   1   ? 11  ? 1 11 
# 
_struct_ref_seq_dif.align_id                     1 
_struct_ref_seq_dif.pdbx_pdb_id_code             5SVX 
_struct_ref_seq_dif.mon_id                       SER 
_struct_ref_seq_dif.pdbx_pdb_strand_id           A 
_struct_ref_seq_dif.seq_num                      1 
_struct_ref_seq_dif.pdbx_pdb_ins_code            ? 
_struct_ref_seq_dif.pdbx_seq_db_name             UNP 
_struct_ref_seq_dif.pdbx_seq_db_accession_code   Q14149 
_struct_ref_seq_dif.db_mon_id                    ? 
_struct_ref_seq_dif.pdbx_seq_db_seq_num          ? 
_struct_ref_seq_dif.details                      'expression tag' 
_struct_ref_seq_dif.pdbx_auth_seq_num            0 
_struct_ref_seq_dif.pdbx_ordinal                 1 
# 
_pdbx_struct_assembly.id                   1 
_pdbx_struct_assembly.details              author_and_software_defined_assembly 
_pdbx_struct_assembly.method_details       PISA 
_pdbx_struct_assembly.oligomeric_details   dimeric 
_pdbx_struct_assembly.oligomeric_count     2 
# 
loop_
_pdbx_struct_assembly_prop.biol_id 
_pdbx_struct_assembly_prop.type 
_pdbx_struct_assembly_prop.value 
_pdbx_struct_assembly_prop.details 
1 'ABSA (A^2)' 1390 ? 
1 MORE         -3   ? 
1 'SSA (A^2)'  4210 ? 
# 
_pdbx_struct_assembly_gen.assembly_id       1 
_pdbx_struct_assembly_gen.oper_expression   1 
_pdbx_struct_assembly_gen.asym_id_list      A,B,C,D,E 
# 
_pdbx_struct_oper_list.id                   1 
_pdbx_struct_oper_list.type                 'identity operation' 
_pdbx_struct_oper_list.name                 1_555 
_pdbx_struct_oper_list.symmetry_operation   x,y,z 
_pdbx_struct_oper_list.matrix[1][1]         1.0000000000 
_pdbx_struct_oper_list.matrix[1][2]         0.0000000000 
_pdbx_struct_oper_list.matrix[1][3]         0.0000000000 
_pdbx_struct_oper_list.vector[1]            0.0000000000 
_pdbx_struct_oper_list.matrix[2][1]         0.0000000000 
_pdbx_struct_oper_list.matrix[2][2]         1.0000000000 
_pdbx_struct_oper_list.matrix[2][3]         0.0000000000 
_pdbx_struct_oper_list.vector[2]            0.0000000000 
_pdbx_struct_oper_list.matrix[3][1]         0.0000000000 
_pdbx_struct_oper_list.matrix[3][2]         0.0000000000 
_pdbx_struct_oper_list.matrix[3][3]         1.0000000000 
_pdbx_struct_oper_list.vector[3]            0.0000000000 
# 
loop_
_struct_conf.conf_type_id 
_struct_conf.id 
_struct_conf.pdbx_PDB_helix_id 
_struct_conf.beg_label_comp_id 
_struct_conf.beg_label_asym_id 
_struct_conf.beg_label_seq_id 
_struct_conf.pdbx_beg_PDB_ins_code 
_struct_conf.end_label_comp_id 
_struct_conf.end_label_asym_id 
_struct_conf.end_label_seq_id 
_struct_conf.pdbx_end_PDB_ins_code 
_struct_conf.beg_auth_comp_id 
_struct_conf.beg_auth_asym_id 
_struct_conf.beg_auth_seq_id 
_struct_conf.end_auth_comp_id 
_struct_conf.end_auth_asym_id 
_struct_conf.end_auth_seq_id 
_struct_conf.pdbx_PDB_helix_class 
_struct_conf.details 
_struct_conf.pdbx_PDB_helix_length 
HELX_P HELX_P1 AA1 TYR A 29 ? ASN A 33 ? TYR A 28 ASN A 32 5 ? 5 
HELX_P HELX_P2 AA2 ASP A 35 ? ARG A 39 ? ASP A 34 ARG A 38 5 ? 5 
# 
_struct_conf_type.id          HELX_P 
_struct_conf_type.criteria    ? 
_struct_conf_type.reference   ? 
# 
loop_
_struct_conn.id 
_struct_conn.conn_type_id 
_struct_conn.pdbx_leaving_atom_flag 
_struct_conn.pdbx_PDB_id 
_struct_conn.ptnr1_label_asym_id 
_struct_conn.ptnr1_label_comp_id 
_struct_conn.ptnr1_label_seq_id 
_struct_conn.ptnr1_label_atom_id 
_struct_conn.pdbx_ptnr1_label_alt_id 
_struct_conn.pdbx_ptnr1_PDB_ins_code 
_struct_conn.pdbx_ptnr1_standard_comp_id 
_struct_conn.ptnr1_symmetry 
_struct_conn.ptnr2_label_asym_id 
_struct_conn.ptnr2_label_comp_id 
_struct_conn.ptnr2_label_seq_id 
_struct_conn.ptnr2_label_atom_id 
_struct_conn.pdbx_ptnr2_label_alt_id 
_struct_conn.pdbx_ptnr2_PDB_ins_code 
_struct_conn.ptnr1_auth_asym_id 
_struct_conn.ptnr1_auth_comp_id 
_struct_conn.ptnr1_auth_seq_id 
_struct_conn.ptnr2_auth_asym_id 
_struct_conn.ptnr2_auth_comp_id 
_struct_conn.ptnr2_auth_seq_id 
_struct_conn.ptnr2_symmetry 
_struct_conn.pdbx_ptnr3_label_atom_id 
_struct_conn.pdbx_ptnr3_label_seq_id 
_struct_conn.pdbx_ptnr3_label_comp_id 
_struct_conn.pdbx_ptnr3_label_asym_id 
_struct_conn.pdbx_ptnr3_label_alt_id 
_struct_conn.pdbx_ptnr3_PDB_ins_code 
_struct_conn.details 
_struct_conn.pdbx_dist_value 
_struct_conn.pdbx_value_order 
_struct_conn.pdbx_role 
covale1 covale both ? B THR 3  C  ? ? ? 1_555 B M3L 4 N  ? ? B THR 3  B M3L 4   1_555 ? ? ? ? ? ? ? 1.327 ? ? 
covale2 covale both ? B M3L 4  C  ? ? ? 1_555 B GLN 5 N  ? ? B M3L 4  B GLN 5   1_555 ? ? ? ? ? ? ? 1.331 ? ? 
metalc1 metalc ?    ? A CYS 8  SG ? ? ? 1_555 C ZN  . ZN ? ? A CYS 7  A ZN  100 1_555 ? ? ? ? ? ? ? 2.353 ? ? 
metalc2 metalc ?    ? A CYS 11 SG ? ? ? 1_555 C ZN  . ZN ? ? A CYS 10 A ZN  100 1_555 ? ? ? ? ? ? ? 2.338 ? ? 
metalc3 metalc ?    ? A CYS 30 SG ? ? ? 1_555 C ZN  . ZN ? ? A CYS 29 A ZN  100 1_555 ? ? ? ? ? ? ? 2.335 ? ? 
metalc4 metalc ?    ? A CYS 41 SG ? ? ? 1_555 C ZN  . ZN ? ? A CYS 40 A ZN  100 1_555 ? ? ? ? ? ? ? 2.296 ? ? 
# 
loop_
_struct_conn_type.id 
_struct_conn_type.criteria 
_struct_conn_type.reference 
covale ? ? 
metalc ? ? 
# 
loop_
_pdbx_struct_conn_angle.id 
_pdbx_struct_conn_angle.ptnr1_label_atom_id 
_pdbx_struct_conn_angle.ptnr1_label_alt_id 
_pdbx_struct_conn_angle.ptnr1_label_asym_id 
_pdbx_struct_conn_angle.ptnr1_label_comp_id 
_pdbx_struct_conn_angle.ptnr1_label_seq_id 
_pdbx_struct_conn_angle.ptnr1_auth_atom_id 
_pdbx_struct_conn_angle.ptnr1_auth_asym_id 
_pdbx_struct_conn_angle.ptnr1_auth_comp_id 
_pdbx_struct_conn_angle.ptnr1_auth_seq_id 
_pdbx_struct_conn_angle.ptnr1_PDB_ins_code 
_pdbx_struct_conn_angle.ptnr1_symmetry 
_pdbx_struct_conn_angle.ptnr2_label_atom_id 
_pdbx_struct_conn_angle.ptnr2_label_alt_id 
_pdbx_struct_conn_angle.ptnr2_label_asym_id 
_pdbx_struct_conn_angle.ptnr2_label_comp_id 
_pdbx_struct_conn_angle.ptnr2_label_seq_id 
_pdbx_struct_conn_angle.ptnr2_auth_atom_id 
_pdbx_struct_conn_angle.ptnr2_auth_asym_id 
_pdbx_struct_conn_angle.ptnr2_auth_comp_id 
_pdbx_struct_conn_angle.ptnr2_auth_seq_id 
_pdbx_struct_conn_angle.ptnr2_PDB_ins_code 
_pdbx_struct_conn_angle.ptnr2_symmetry 
_pdbx_struct_conn_angle.ptnr3_label_atom_id 
_pdbx_struct_conn_angle.ptnr3_label_alt_id 
_pdbx_struct_conn_angle.ptnr3_label_asym_id 
_pdbx_struct_conn_angle.ptnr3_label_comp_id 
_pdbx_struct_conn_angle.ptnr3_label_seq_id 
_pdbx_struct_conn_angle.ptnr3_auth_atom_id 
_pdbx_struct_conn_angle.ptnr3_auth_asym_id 
_pdbx_struct_conn_angle.ptnr3_auth_comp_id 
_pdbx_struct_conn_angle.ptnr3_auth_seq_id 
_pdbx_struct_conn_angle.ptnr3_PDB_ins_code 
_pdbx_struct_conn_angle.ptnr3_symmetry 
_pdbx_struct_conn_angle.value 
_pdbx_struct_conn_angle.value_esd 
1 SG ? A CYS 8  ? A CYS 7  ? 1_555 ZN ? C ZN . ? A ZN 100 ? 1_555 SG ? A CYS 11 ? A CYS 10 ? 1_555 108.6 ? 
2 SG ? A CYS 8  ? A CYS 7  ? 1_555 ZN ? C ZN . ? A ZN 100 ? 1_555 SG ? A CYS 30 ? A CYS 29 ? 1_555 104.5 ? 
3 SG ? A CYS 11 ? A CYS 10 ? 1_555 ZN ? C ZN . ? A ZN 100 ? 1_555 SG ? A CYS 30 ? A CYS 29 ? 1_555 108.6 ? 
4 SG ? A CYS 8  ? A CYS 7  ? 1_555 ZN ? C ZN . ? A ZN 100 ? 1_555 SG ? A CYS 41 ? A CYS 40 ? 1_555 108.7 ? 
5 SG ? A CYS 11 ? A CYS 10 ? 1_555 ZN ? C ZN . ? A ZN 100 ? 1_555 SG ? A CYS 41 ? A CYS 40 ? 1_555 110.9 ? 
6 SG ? A CYS 30 ? A CYS 29 ? 1_555 ZN ? C ZN . ? A ZN 100 ? 1_555 SG ? A CYS 41 ? A CYS 40 ? 1_555 115.2 ? 
# 
_pdbx_modification_feature.ordinal                            1 
_pdbx_modification_feature.label_comp_id                      M3L 
_pdbx_modification_feature.label_asym_id                      B 
_pdbx_modification_feature.label_seq_id                       4 
_pdbx_modification_feature.label_alt_id                       ? 
_pdbx_modification_feature.modified_residue_label_comp_id     . 
_pdbx_modification_feature.modified_residue_label_asym_id     . 
_pdbx_modification_feature.modified_residue_label_seq_id      . 
_pdbx_modification_feature.modified_residue_label_alt_id      . 
_pdbx_modification_feature.auth_comp_id                       M3L 
_pdbx_modification_feature.auth_asym_id                       B 
_pdbx_modification_feature.auth_seq_id                        4 
_pdbx_modification_feature.PDB_ins_code                       ? 
_pdbx_modification_feature.symmetry                           1_555 
_pdbx_modification_feature.modified_residue_auth_comp_id      . 
_pdbx_modification_feature.modified_residue_auth_asym_id      . 
_pdbx_modification_feature.modified_residue_auth_seq_id       . 
_pdbx_modification_feature.modified_residue_PDB_ins_code      . 
_pdbx_modification_feature.modified_residue_symmetry          . 
_pdbx_modification_feature.comp_id_linking_atom               . 
_pdbx_modification_feature.modified_residue_id_linking_atom   . 
_pdbx_modification_feature.modified_residue_id                LYS 
_pdbx_modification_feature.ref_pcm_id                         1 
_pdbx_modification_feature.ref_comp_id                        M3L 
_pdbx_modification_feature.type                               Methylation 
_pdbx_modification_feature.category                           'Named protein modification' 
# 
_struct_sheet.id               AA1 
_struct_sheet.type             ? 
_struct_sheet.number_strands   3 
_struct_sheet.details          ? 
# 
loop_
_struct_sheet_order.sheet_id 
_struct_sheet_order.range_id_1 
_struct_sheet_order.range_id_2 
_struct_sheet_order.offset 
_struct_sheet_order.sense 
AA1 1 2 ? anti-parallel 
AA1 2 3 ? anti-parallel 
# 
loop_
_struct_sheet_range.sheet_id 
_struct_sheet_range.id 
_struct_sheet_range.beg_label_comp_id 
_struct_sheet_range.beg_label_asym_id 
_struct_sheet_range.beg_label_seq_id 
_struct_sheet_range.pdbx_beg_PDB_ins_code 
_struct_sheet_range.end_label_comp_id 
_struct_sheet_range.end_label_asym_id 
_struct_sheet_range.end_label_seq_id 
_struct_sheet_range.pdbx_end_PDB_ins_code 
_struct_sheet_range.beg_auth_comp_id 
_struct_sheet_range.beg_auth_asym_id 
_struct_sheet_range.beg_auth_seq_id 
_struct_sheet_range.end_auth_comp_id 
_struct_sheet_range.end_auth_asym_id 
_struct_sheet_range.end_auth_seq_id 
AA1 1 TRP A 14 ? LYS A 16 ? TRP A 13 LYS A 15 
AA1 2 GLN A 3  ? GLN A 7  ? GLN A 2  GLN A 6  
AA1 3 THR B 3  ? THR B 6  ? THR B 3  THR B 6  
# 
loop_
_pdbx_struct_sheet_hbond.sheet_id 
_pdbx_struct_sheet_hbond.range_id_1 
_pdbx_struct_sheet_hbond.range_id_2 
_pdbx_struct_sheet_hbond.range_1_label_atom_id 
_pdbx_struct_sheet_hbond.range_1_label_comp_id 
_pdbx_struct_sheet_hbond.range_1_label_asym_id 
_pdbx_struct_sheet_hbond.range_1_label_seq_id 
_pdbx_struct_sheet_hbond.range_1_PDB_ins_code 
_pdbx_struct_sheet_hbond.range_1_auth_atom_id 
_pdbx_struct_sheet_hbond.range_1_auth_comp_id 
_pdbx_struct_sheet_hbond.range_1_auth_asym_id 
_pdbx_struct_sheet_hbond.range_1_auth_seq_id 
_pdbx_struct_sheet_hbond.range_2_label_atom_id 
_pdbx_struct_sheet_hbond.range_2_label_comp_id 
_pdbx_struct_sheet_hbond.range_2_label_asym_id 
_pdbx_struct_sheet_hbond.range_2_label_seq_id 
_pdbx_struct_sheet_hbond.range_2_PDB_ins_code 
_pdbx_struct_sheet_hbond.range_2_auth_atom_id 
_pdbx_struct_sheet_hbond.range_2_auth_comp_id 
_pdbx_struct_sheet_hbond.range_2_auth_asym_id 
_pdbx_struct_sheet_hbond.range_2_auth_seq_id 
AA1 1 2 O ARG A 15 ? O ARG A 14 N VAL A 6 ? N VAL A 5 
AA1 2 3 N GLN A 3  ? N GLN A 2  O THR B 6 ? O THR B 6 
# 
loop_
_struct_site.id 
_struct_site.pdbx_evidence_code 
_struct_site.pdbx_auth_asym_id 
_struct_site.pdbx_auth_comp_id 
_struct_site.pdbx_auth_seq_id 
_struct_site.pdbx_auth_ins_code 
_struct_site.pdbx_num_residues 
_struct_site.details 
AC1 Software A ZN  100 ? 4  'binding site for residue ZN A 100'                                         
AC2 Software B M3L 4   ? 10 'binding site for Ligand residues M3L B 4 through GLN B 5 bound to THR B 3' 
# 
loop_
_struct_site_gen.id 
_struct_site_gen.site_id 
_struct_site_gen.pdbx_num_res 
_struct_site_gen.label_comp_id 
_struct_site_gen.label_asym_id 
_struct_site_gen.label_seq_id 
_struct_site_gen.pdbx_auth_ins_code 
_struct_site_gen.auth_comp_id 
_struct_site_gen.auth_asym_id 
_struct_site_gen.auth_seq_id 
_struct_site_gen.label_atom_id 
_struct_site_gen.label_alt_id 
_struct_site_gen.symmetry 
_struct_site_gen.details 
1  AC1 4  CYS A 8  ? CYS A 7   . ? 1_555 ? 
2  AC1 4  CYS A 11 ? CYS A 10  . ? 1_555 ? 
3  AC1 4  CYS A 30 ? CYS A 29  . ? 1_555 ? 
4  AC1 4  CYS A 41 ? CYS A 40  . ? 1_555 ? 
5  AC2 10 GLN A 3  ? GLN A 2   . ? 1_555 ? 
6  AC2 10 THR A 4  ? THR A 3   . ? 1_555 ? 
7  AC2 10 TRP A 5  ? TRP A 4   . ? 1_555 ? 
8  AC2 10 TRP A 14 ? TRP A 13  . ? 1_555 ? 
9  AC2 10 GLU A 48 ? GLU A 47  . ? 1_555 ? 
10 AC2 10 THR B 3  ? THR B 3   . ? 1_555 ? 
11 AC2 10 THR B 6  ? THR B 6   . ? 1_555 ? 
12 AC2 10 HOH E .  ? HOH B 104 . ? 1_555 ? 
13 AC2 10 HOH E .  ? HOH B 107 . ? 1_555 ? 
14 AC2 10 HOH E .  ? HOH B 110 . ? 1_555 ? 
# 
_pdbx_entry_details.entry_id                   5SVX 
_pdbx_entry_details.compound_details           ? 
_pdbx_entry_details.source_details             ? 
_pdbx_entry_details.nonpolymer_details         ? 
_pdbx_entry_details.sequence_details           ? 
_pdbx_entry_details.has_ligand_of_interest     ? 
_pdbx_entry_details.has_protein_modification   Y 
# 
loop_
_pdbx_validate_close_contact.id 
_pdbx_validate_close_contact.PDB_model_num 
_pdbx_validate_close_contact.auth_atom_id_1 
_pdbx_validate_close_contact.auth_asym_id_1 
_pdbx_validate_close_contact.auth_comp_id_1 
_pdbx_validate_close_contact.auth_seq_id_1 
_pdbx_validate_close_contact.PDB_ins_code_1 
_pdbx_validate_close_contact.label_alt_id_1 
_pdbx_validate_close_contact.auth_atom_id_2 
_pdbx_validate_close_contact.auth_asym_id_2 
_pdbx_validate_close_contact.auth_comp_id_2 
_pdbx_validate_close_contact.auth_seq_id_2 
_pdbx_validate_close_contact.PDB_ins_code_2 
_pdbx_validate_close_contact.label_alt_id_2 
_pdbx_validate_close_contact.dist 
1 1 O A HOH 202 ? ? O A HOH 207 ? ? 1.91 
2 1 O A HOH 202 ? ? O A HOH 264 ? ? 1.98 
# 
loop_
_pdbx_validate_symm_contact.id 
_pdbx_validate_symm_contact.PDB_model_num 
_pdbx_validate_symm_contact.auth_atom_id_1 
_pdbx_validate_symm_contact.auth_asym_id_1 
_pdbx_validate_symm_contact.auth_comp_id_1 
_pdbx_validate_symm_contact.auth_seq_id_1 
_pdbx_validate_symm_contact.PDB_ins_code_1 
_pdbx_validate_symm_contact.label_alt_id_1 
_pdbx_validate_symm_contact.site_symmetry_1 
_pdbx_validate_symm_contact.auth_atom_id_2 
_pdbx_validate_symm_contact.auth_asym_id_2 
_pdbx_validate_symm_contact.auth_comp_id_2 
_pdbx_validate_symm_contact.auth_seq_id_2 
_pdbx_validate_symm_contact.PDB_ins_code_2 
_pdbx_validate_symm_contact.label_alt_id_2 
_pdbx_validate_symm_contact.site_symmetry_2 
_pdbx_validate_symm_contact.dist 
1 1 O A HOH 272 ? ? 1_555 O B HOH 110 ? ? 2_975 2.03 
2 1 O A HOH 205 ? ? 1_555 O A HOH 267 ? ? 4_576 2.13 
# 
loop_
_pdbx_struct_special_symmetry.id 
_pdbx_struct_special_symmetry.PDB_model_num 
_pdbx_struct_special_symmetry.auth_asym_id 
_pdbx_struct_special_symmetry.auth_comp_id 
_pdbx_struct_special_symmetry.auth_seq_id 
_pdbx_struct_special_symmetry.PDB_ins_code 
_pdbx_struct_special_symmetry.label_asym_id 
_pdbx_struct_special_symmetry.label_comp_id 
_pdbx_struct_special_symmetry.label_seq_id 
1 1 B HOH 108 ? E HOH . 
2 1 B HOH 109 ? E HOH . 
# 
loop_
_chem_comp_atom.comp_id 
_chem_comp_atom.atom_id 
_chem_comp_atom.type_symbol 
_chem_comp_atom.pdbx_aromatic_flag 
_chem_comp_atom.pdbx_stereo_config 
_chem_comp_atom.pdbx_ordinal 
ALA N    N  N N 1   
ALA CA   C  N S 2   
ALA C    C  N N 3   
ALA O    O  N N 4   
ALA CB   C  N N 5   
ALA OXT  O  N N 6   
ALA H    H  N N 7   
ALA H2   H  N N 8   
ALA HA   H  N N 9   
ALA HB1  H  N N 10  
ALA HB2  H  N N 11  
ALA HB3  H  N N 12  
ALA HXT  H  N N 13  
ARG N    N  N N 14  
ARG CA   C  N S 15  
ARG C    C  N N 16  
ARG O    O  N N 17  
ARG CB   C  N N 18  
ARG CG   C  N N 19  
ARG CD   C  N N 20  
ARG NE   N  N N 21  
ARG CZ   C  N N 22  
ARG NH1  N  N N 23  
ARG NH2  N  N N 24  
ARG OXT  O  N N 25  
ARG H    H  N N 26  
ARG H2   H  N N 27  
ARG HA   H  N N 28  
ARG HB2  H  N N 29  
ARG HB3  H  N N 30  
ARG HG2  H  N N 31  
ARG HG3  H  N N 32  
ARG HD2  H  N N 33  
ARG HD3  H  N N 34  
ARG HE   H  N N 35  
ARG HH11 H  N N 36  
ARG HH12 H  N N 37  
ARG HH21 H  N N 38  
ARG HH22 H  N N 39  
ARG HXT  H  N N 40  
ASN N    N  N N 41  
ASN CA   C  N S 42  
ASN C    C  N N 43  
ASN O    O  N N 44  
ASN CB   C  N N 45  
ASN CG   C  N N 46  
ASN OD1  O  N N 47  
ASN ND2  N  N N 48  
ASN OXT  O  N N 49  
ASN H    H  N N 50  
ASN H2   H  N N 51  
ASN HA   H  N N 52  
ASN HB2  H  N N 53  
ASN HB3  H  N N 54  
ASN HD21 H  N N 55  
ASN HD22 H  N N 56  
ASN HXT  H  N N 57  
ASP N    N  N N 58  
ASP CA   C  N S 59  
ASP C    C  N N 60  
ASP O    O  N N 61  
ASP CB   C  N N 62  
ASP CG   C  N N 63  
ASP OD1  O  N N 64  
ASP OD2  O  N N 65  
ASP OXT  O  N N 66  
ASP H    H  N N 67  
ASP H2   H  N N 68  
ASP HA   H  N N 69  
ASP HB2  H  N N 70  
ASP HB3  H  N N 71  
ASP HD2  H  N N 72  
ASP HXT  H  N N 73  
CYS N    N  N N 74  
CYS CA   C  N R 75  
CYS C    C  N N 76  
CYS O    O  N N 77  
CYS CB   C  N N 78  
CYS SG   S  N N 79  
CYS OXT  O  N N 80  
CYS H    H  N N 81  
CYS H2   H  N N 82  
CYS HA   H  N N 83  
CYS HB2  H  N N 84  
CYS HB3  H  N N 85  
CYS HG   H  N N 86  
CYS HXT  H  N N 87  
GLN N    N  N N 88  
GLN CA   C  N S 89  
GLN C    C  N N 90  
GLN O    O  N N 91  
GLN CB   C  N N 92  
GLN CG   C  N N 93  
GLN CD   C  N N 94  
GLN OE1  O  N N 95  
GLN NE2  N  N N 96  
GLN OXT  O  N N 97  
GLN H    H  N N 98  
GLN H2   H  N N 99  
GLN HA   H  N N 100 
GLN HB2  H  N N 101 
GLN HB3  H  N N 102 
GLN HG2  H  N N 103 
GLN HG3  H  N N 104 
GLN HE21 H  N N 105 
GLN HE22 H  N N 106 
GLN HXT  H  N N 107 
GLU N    N  N N 108 
GLU CA   C  N S 109 
GLU C    C  N N 110 
GLU O    O  N N 111 
GLU CB   C  N N 112 
GLU CG   C  N N 113 
GLU CD   C  N N 114 
GLU OE1  O  N N 115 
GLU OE2  O  N N 116 
GLU OXT  O  N N 117 
GLU H    H  N N 118 
GLU H2   H  N N 119 
GLU HA   H  N N 120 
GLU HB2  H  N N 121 
GLU HB3  H  N N 122 
GLU HG2  H  N N 123 
GLU HG3  H  N N 124 
GLU HE2  H  N N 125 
GLU HXT  H  N N 126 
GLY N    N  N N 127 
GLY CA   C  N N 128 
GLY C    C  N N 129 
GLY O    O  N N 130 
GLY OXT  O  N N 131 
GLY H    H  N N 132 
GLY H2   H  N N 133 
GLY HA2  H  N N 134 
GLY HA3  H  N N 135 
GLY HXT  H  N N 136 
HOH O    O  N N 137 
HOH H1   H  N N 138 
HOH H2   H  N N 139 
LEU N    N  N N 140 
LEU CA   C  N S 141 
LEU C    C  N N 142 
LEU O    O  N N 143 
LEU CB   C  N N 144 
LEU CG   C  N N 145 
LEU CD1  C  N N 146 
LEU CD2  C  N N 147 
LEU OXT  O  N N 148 
LEU H    H  N N 149 
LEU H2   H  N N 150 
LEU HA   H  N N 151 
LEU HB2  H  N N 152 
LEU HB3  H  N N 153 
LEU HG   H  N N 154 
LEU HD11 H  N N 155 
LEU HD12 H  N N 156 
LEU HD13 H  N N 157 
LEU HD21 H  N N 158 
LEU HD22 H  N N 159 
LEU HD23 H  N N 160 
LEU HXT  H  N N 161 
LYS N    N  N N 162 
LYS CA   C  N S 163 
LYS C    C  N N 164 
LYS O    O  N N 165 
LYS CB   C  N N 166 
LYS CG   C  N N 167 
LYS CD   C  N N 168 
LYS CE   C  N N 169 
LYS NZ   N  N N 170 
LYS OXT  O  N N 171 
LYS H    H  N N 172 
LYS H2   H  N N 173 
LYS HA   H  N N 174 
LYS HB2  H  N N 175 
LYS HB3  H  N N 176 
LYS HG2  H  N N 177 
LYS HG3  H  N N 178 
LYS HD2  H  N N 179 
LYS HD3  H  N N 180 
LYS HE2  H  N N 181 
LYS HE3  H  N N 182 
LYS HZ1  H  N N 183 
LYS HZ2  H  N N 184 
LYS HZ3  H  N N 185 
LYS HXT  H  N N 186 
M3L N    N  N N 187 
M3L CA   C  N S 188 
M3L CB   C  N N 189 
M3L CG   C  N N 190 
M3L CD   C  N N 191 
M3L CE   C  N N 192 
M3L NZ   N  N N 193 
M3L C    C  N N 194 
M3L O    O  N N 195 
M3L OXT  O  N N 196 
M3L CM1  C  N N 197 
M3L CM2  C  N N 198 
M3L CM3  C  N N 199 
M3L H    H  N N 200 
M3L H2   H  N N 201 
M3L HA   H  N N 202 
M3L HB2  H  N N 203 
M3L HB3  H  N N 204 
M3L HG2  H  N N 205 
M3L HG3  H  N N 206 
M3L HD2  H  N N 207 
M3L HD3  H  N N 208 
M3L HE2  H  N N 209 
M3L HE3  H  N N 210 
M3L HXT  H  N N 211 
M3L HM11 H  N N 212 
M3L HM12 H  N N 213 
M3L HM13 H  N N 214 
M3L HM21 H  N N 215 
M3L HM22 H  N N 216 
M3L HM23 H  N N 217 
M3L HM31 H  N N 218 
M3L HM32 H  N N 219 
M3L HM33 H  N N 220 
MET N    N  N N 221 
MET CA   C  N S 222 
MET C    C  N N 223 
MET O    O  N N 224 
MET CB   C  N N 225 
MET CG   C  N N 226 
MET SD   S  N N 227 
MET CE   C  N N 228 
MET OXT  O  N N 229 
MET H    H  N N 230 
MET H2   H  N N 231 
MET HA   H  N N 232 
MET HB2  H  N N 233 
MET HB3  H  N N 234 
MET HG2  H  N N 235 
MET HG3  H  N N 236 
MET HE1  H  N N 237 
MET HE2  H  N N 238 
MET HE3  H  N N 239 
MET HXT  H  N N 240 
PHE N    N  N N 241 
PHE CA   C  N S 242 
PHE C    C  N N 243 
PHE O    O  N N 244 
PHE CB   C  N N 245 
PHE CG   C  Y N 246 
PHE CD1  C  Y N 247 
PHE CD2  C  Y N 248 
PHE CE1  C  Y N 249 
PHE CE2  C  Y N 250 
PHE CZ   C  Y N 251 
PHE OXT  O  N N 252 
PHE H    H  N N 253 
PHE H2   H  N N 254 
PHE HA   H  N N 255 
PHE HB2  H  N N 256 
PHE HB3  H  N N 257 
PHE HD1  H  N N 258 
PHE HD2  H  N N 259 
PHE HE1  H  N N 260 
PHE HE2  H  N N 261 
PHE HZ   H  N N 262 
PHE HXT  H  N N 263 
PRO N    N  N N 264 
PRO CA   C  N S 265 
PRO C    C  N N 266 
PRO O    O  N N 267 
PRO CB   C  N N 268 
PRO CG   C  N N 269 
PRO CD   C  N N 270 
PRO OXT  O  N N 271 
PRO H    H  N N 272 
PRO HA   H  N N 273 
PRO HB2  H  N N 274 
PRO HB3  H  N N 275 
PRO HG2  H  N N 276 
PRO HG3  H  N N 277 
PRO HD2  H  N N 278 
PRO HD3  H  N N 279 
PRO HXT  H  N N 280 
SER N    N  N N 281 
SER CA   C  N S 282 
SER C    C  N N 283 
SER O    O  N N 284 
SER CB   C  N N 285 
SER OG   O  N N 286 
SER OXT  O  N N 287 
SER H    H  N N 288 
SER H2   H  N N 289 
SER HA   H  N N 290 
SER HB2  H  N N 291 
SER HB3  H  N N 292 
SER HG   H  N N 293 
SER HXT  H  N N 294 
THR N    N  N N 295 
THR CA   C  N S 296 
THR C    C  N N 297 
THR O    O  N N 298 
THR CB   C  N R 299 
THR OG1  O  N N 300 
THR CG2  C  N N 301 
THR OXT  O  N N 302 
THR H    H  N N 303 
THR H2   H  N N 304 
THR HA   H  N N 305 
THR HB   H  N N 306 
THR HG1  H  N N 307 
THR HG21 H  N N 308 
THR HG22 H  N N 309 
THR HG23 H  N N 310 
THR HXT  H  N N 311 
TRP N    N  N N 312 
TRP CA   C  N S 313 
TRP C    C  N N 314 
TRP O    O  N N 315 
TRP CB   C  N N 316 
TRP CG   C  Y N 317 
TRP CD1  C  Y N 318 
TRP CD2  C  Y N 319 
TRP NE1  N  Y N 320 
TRP CE2  C  Y N 321 
TRP CE3  C  Y N 322 
TRP CZ2  C  Y N 323 
TRP CZ3  C  Y N 324 
TRP CH2  C  Y N 325 
TRP OXT  O  N N 326 
TRP H    H  N N 327 
TRP H2   H  N N 328 
TRP HA   H  N N 329 
TRP HB2  H  N N 330 
TRP HB3  H  N N 331 
TRP HD1  H  N N 332 
TRP HE1  H  N N 333 
TRP HE3  H  N N 334 
TRP HZ2  H  N N 335 
TRP HZ3  H  N N 336 
TRP HH2  H  N N 337 
TRP HXT  H  N N 338 
TYR N    N  N N 339 
TYR CA   C  N S 340 
TYR C    C  N N 341 
TYR O    O  N N 342 
TYR CB   C  N N 343 
TYR CG   C  Y N 344 
TYR CD1  C  Y N 345 
TYR CD2  C  Y N 346 
TYR CE1  C  Y N 347 
TYR CE2  C  Y N 348 
TYR CZ   C  Y N 349 
TYR OH   O  N N 350 
TYR OXT  O  N N 351 
TYR H    H  N N 352 
TYR H2   H  N N 353 
TYR HA   H  N N 354 
TYR HB2  H  N N 355 
TYR HB3  H  N N 356 
TYR HD1  H  N N 357 
TYR HD2  H  N N 358 
TYR HE1  H  N N 359 
TYR HE2  H  N N 360 
TYR HH   H  N N 361 
TYR HXT  H  N N 362 
VAL N    N  N N 363 
VAL CA   C  N S 364 
VAL C    C  N N 365 
VAL O    O  N N 366 
VAL CB   C  N N 367 
VAL CG1  C  N N 368 
VAL CG2  C  N N 369 
VAL OXT  O  N N 370 
VAL H    H  N N 371 
VAL H2   H  N N 372 
VAL HA   H  N N 373 
VAL HB   H  N N 374 
VAL HG11 H  N N 375 
VAL HG12 H  N N 376 
VAL HG13 H  N N 377 
VAL HG21 H  N N 378 
VAL HG22 H  N N 379 
VAL HG23 H  N N 380 
VAL HXT  H  N N 381 
ZN  ZN   ZN N N 382 
# 
loop_
_chem_comp_bond.comp_id 
_chem_comp_bond.atom_id_1 
_chem_comp_bond.atom_id_2 
_chem_comp_bond.value_order 
_chem_comp_bond.pdbx_aromatic_flag 
_chem_comp_bond.pdbx_stereo_config 
_chem_comp_bond.pdbx_ordinal 
ALA N   CA   sing N N 1   
ALA N   H    sing N N 2   
ALA N   H2   sing N N 3   
ALA CA  C    sing N N 4   
ALA CA  CB   sing N N 5   
ALA CA  HA   sing N N 6   
ALA C   O    doub N N 7   
ALA C   OXT  sing N N 8   
ALA CB  HB1  sing N N 9   
ALA CB  HB2  sing N N 10  
ALA CB  HB3  sing N N 11  
ALA OXT HXT  sing N N 12  
ARG N   CA   sing N N 13  
ARG N   H    sing N N 14  
ARG N   H2   sing N N 15  
ARG CA  C    sing N N 16  
ARG CA  CB   sing N N 17  
ARG CA  HA   sing N N 18  
ARG C   O    doub N N 19  
ARG C   OXT  sing N N 20  
ARG CB  CG   sing N N 21  
ARG CB  HB2  sing N N 22  
ARG CB  HB3  sing N N 23  
ARG CG  CD   sing N N 24  
ARG CG  HG2  sing N N 25  
ARG CG  HG3  sing N N 26  
ARG CD  NE   sing N N 27  
ARG CD  HD2  sing N N 28  
ARG CD  HD3  sing N N 29  
ARG NE  CZ   sing N N 30  
ARG NE  HE   sing N N 31  
ARG CZ  NH1  sing N N 32  
ARG CZ  NH2  doub N N 33  
ARG NH1 HH11 sing N N 34  
ARG NH1 HH12 sing N N 35  
ARG NH2 HH21 sing N N 36  
ARG NH2 HH22 sing N N 37  
ARG OXT HXT  sing N N 38  
ASN N   CA   sing N N 39  
ASN N   H    sing N N 40  
ASN N   H2   sing N N 41  
ASN CA  C    sing N N 42  
ASN CA  CB   sing N N 43  
ASN CA  HA   sing N N 44  
ASN C   O    doub N N 45  
ASN C   OXT  sing N N 46  
ASN CB  CG   sing N N 47  
ASN CB  HB2  sing N N 48  
ASN CB  HB3  sing N N 49  
ASN CG  OD1  doub N N 50  
ASN CG  ND2  sing N N 51  
ASN ND2 HD21 sing N N 52  
ASN ND2 HD22 sing N N 53  
ASN OXT HXT  sing N N 54  
ASP N   CA   sing N N 55  
ASP N   H    sing N N 56  
ASP N   H2   sing N N 57  
ASP CA  C    sing N N 58  
ASP CA  CB   sing N N 59  
ASP CA  HA   sing N N 60  
ASP C   O    doub N N 61  
ASP C   OXT  sing N N 62  
ASP CB  CG   sing N N 63  
ASP CB  HB2  sing N N 64  
ASP CB  HB3  sing N N 65  
ASP CG  OD1  doub N N 66  
ASP CG  OD2  sing N N 67  
ASP OD2 HD2  sing N N 68  
ASP OXT HXT  sing N N 69  
CYS N   CA   sing N N 70  
CYS N   H    sing N N 71  
CYS N   H2   sing N N 72  
CYS CA  C    sing N N 73  
CYS CA  CB   sing N N 74  
CYS CA  HA   sing N N 75  
CYS C   O    doub N N 76  
CYS C   OXT  sing N N 77  
CYS CB  SG   sing N N 78  
CYS CB  HB2  sing N N 79  
CYS CB  HB3  sing N N 80  
CYS SG  HG   sing N N 81  
CYS OXT HXT  sing N N 82  
GLN N   CA   sing N N 83  
GLN N   H    sing N N 84  
GLN N   H2   sing N N 85  
GLN CA  C    sing N N 86  
GLN CA  CB   sing N N 87  
GLN CA  HA   sing N N 88  
GLN C   O    doub N N 89  
GLN C   OXT  sing N N 90  
GLN CB  CG   sing N N 91  
GLN CB  HB2  sing N N 92  
GLN CB  HB3  sing N N 93  
GLN CG  CD   sing N N 94  
GLN CG  HG2  sing N N 95  
GLN CG  HG3  sing N N 96  
GLN CD  OE1  doub N N 97  
GLN CD  NE2  sing N N 98  
GLN NE2 HE21 sing N N 99  
GLN NE2 HE22 sing N N 100 
GLN OXT HXT  sing N N 101 
GLU N   CA   sing N N 102 
GLU N   H    sing N N 103 
GLU N   H2   sing N N 104 
GLU CA  C    sing N N 105 
GLU CA  CB   sing N N 106 
GLU CA  HA   sing N N 107 
GLU C   O    doub N N 108 
GLU C   OXT  sing N N 109 
GLU CB  CG   sing N N 110 
GLU CB  HB2  sing N N 111 
GLU CB  HB3  sing N N 112 
GLU CG  CD   sing N N 113 
GLU CG  HG2  sing N N 114 
GLU CG  HG3  sing N N 115 
GLU CD  OE1  doub N N 116 
GLU CD  OE2  sing N N 117 
GLU OE2 HE2  sing N N 118 
GLU OXT HXT  sing N N 119 
GLY N   CA   sing N N 120 
GLY N   H    sing N N 121 
GLY N   H2   sing N N 122 
GLY CA  C    sing N N 123 
GLY CA  HA2  sing N N 124 
GLY CA  HA3  sing N N 125 
GLY C   O    doub N N 126 
GLY C   OXT  sing N N 127 
GLY OXT HXT  sing N N 128 
HOH O   H1   sing N N 129 
HOH O   H2   sing N N 130 
LEU N   CA   sing N N 131 
LEU N   H    sing N N 132 
LEU N   H2   sing N N 133 
LEU CA  C    sing N N 134 
LEU CA  CB   sing N N 135 
LEU CA  HA   sing N N 136 
LEU C   O    doub N N 137 
LEU C   OXT  sing N N 138 
LEU CB  CG   sing N N 139 
LEU CB  HB2  sing N N 140 
LEU CB  HB3  sing N N 141 
LEU CG  CD1  sing N N 142 
LEU CG  CD2  sing N N 143 
LEU CG  HG   sing N N 144 
LEU CD1 HD11 sing N N 145 
LEU CD1 HD12 sing N N 146 
LEU CD1 HD13 sing N N 147 
LEU CD2 HD21 sing N N 148 
LEU CD2 HD22 sing N N 149 
LEU CD2 HD23 sing N N 150 
LEU OXT HXT  sing N N 151 
LYS N   CA   sing N N 152 
LYS N   H    sing N N 153 
LYS N   H2   sing N N 154 
LYS CA  C    sing N N 155 
LYS CA  CB   sing N N 156 
LYS CA  HA   sing N N 157 
LYS C   O    doub N N 158 
LYS C   OXT  sing N N 159 
LYS CB  CG   sing N N 160 
LYS CB  HB2  sing N N 161 
LYS CB  HB3  sing N N 162 
LYS CG  CD   sing N N 163 
LYS CG  HG2  sing N N 164 
LYS CG  HG3  sing N N 165 
LYS CD  CE   sing N N 166 
LYS CD  HD2  sing N N 167 
LYS CD  HD3  sing N N 168 
LYS CE  NZ   sing N N 169 
LYS CE  HE2  sing N N 170 
LYS CE  HE3  sing N N 171 
LYS NZ  HZ1  sing N N 172 
LYS NZ  HZ2  sing N N 173 
LYS NZ  HZ3  sing N N 174 
LYS OXT HXT  sing N N 175 
M3L N   CA   sing N N 176 
M3L N   H    sing N N 177 
M3L N   H2   sing N N 178 
M3L CA  CB   sing N N 179 
M3L CA  C    sing N N 180 
M3L CA  HA   sing N N 181 
M3L CB  CG   sing N N 182 
M3L CB  HB2  sing N N 183 
M3L CB  HB3  sing N N 184 
M3L CG  CD   sing N N 185 
M3L CG  HG2  sing N N 186 
M3L CG  HG3  sing N N 187 
M3L CD  CE   sing N N 188 
M3L CD  HD2  sing N N 189 
M3L CD  HD3  sing N N 190 
M3L CE  NZ   sing N N 191 
M3L CE  HE2  sing N N 192 
M3L CE  HE3  sing N N 193 
M3L NZ  CM1  sing N N 194 
M3L NZ  CM2  sing N N 195 
M3L NZ  CM3  sing N N 196 
M3L C   O    doub N N 197 
M3L C   OXT  sing N N 198 
M3L OXT HXT  sing N N 199 
M3L CM1 HM11 sing N N 200 
M3L CM1 HM12 sing N N 201 
M3L CM1 HM13 sing N N 202 
M3L CM2 HM21 sing N N 203 
M3L CM2 HM22 sing N N 204 
M3L CM2 HM23 sing N N 205 
M3L CM3 HM31 sing N N 206 
M3L CM3 HM32 sing N N 207 
M3L CM3 HM33 sing N N 208 
MET N   CA   sing N N 209 
MET N   H    sing N N 210 
MET N   H2   sing N N 211 
MET CA  C    sing N N 212 
MET CA  CB   sing N N 213 
MET CA  HA   sing N N 214 
MET C   O    doub N N 215 
MET C   OXT  sing N N 216 
MET CB  CG   sing N N 217 
MET CB  HB2  sing N N 218 
MET CB  HB3  sing N N 219 
MET CG  SD   sing N N 220 
MET CG  HG2  sing N N 221 
MET CG  HG3  sing N N 222 
MET SD  CE   sing N N 223 
MET CE  HE1  sing N N 224 
MET CE  HE2  sing N N 225 
MET CE  HE3  sing N N 226 
MET OXT HXT  sing N N 227 
PHE N   CA   sing N N 228 
PHE N   H    sing N N 229 
PHE N   H2   sing N N 230 
PHE CA  C    sing N N 231 
PHE CA  CB   sing N N 232 
PHE CA  HA   sing N N 233 
PHE C   O    doub N N 234 
PHE C   OXT  sing N N 235 
PHE CB  CG   sing N N 236 
PHE CB  HB2  sing N N 237 
PHE CB  HB3  sing N N 238 
PHE CG  CD1  doub Y N 239 
PHE CG  CD2  sing Y N 240 
PHE CD1 CE1  sing Y N 241 
PHE CD1 HD1  sing N N 242 
PHE CD2 CE2  doub Y N 243 
PHE CD2 HD2  sing N N 244 
PHE CE1 CZ   doub Y N 245 
PHE CE1 HE1  sing N N 246 
PHE CE2 CZ   sing Y N 247 
PHE CE2 HE2  sing N N 248 
PHE CZ  HZ   sing N N 249 
PHE OXT HXT  sing N N 250 
PRO N   CA   sing N N 251 
PRO N   CD   sing N N 252 
PRO N   H    sing N N 253 
PRO CA  C    sing N N 254 
PRO CA  CB   sing N N 255 
PRO CA  HA   sing N N 256 
PRO C   O    doub N N 257 
PRO C   OXT  sing N N 258 
PRO CB  CG   sing N N 259 
PRO CB  HB2  sing N N 260 
PRO CB  HB3  sing N N 261 
PRO CG  CD   sing N N 262 
PRO CG  HG2  sing N N 263 
PRO CG  HG3  sing N N 264 
PRO CD  HD2  sing N N 265 
PRO CD  HD3  sing N N 266 
PRO OXT HXT  sing N N 267 
SER N   CA   sing N N 268 
SER N   H    sing N N 269 
SER N   H2   sing N N 270 
SER CA  C    sing N N 271 
SER CA  CB   sing N N 272 
SER CA  HA   sing N N 273 
SER C   O    doub N N 274 
SER C   OXT  sing N N 275 
SER CB  OG   sing N N 276 
SER CB  HB2  sing N N 277 
SER CB  HB3  sing N N 278 
SER OG  HG   sing N N 279 
SER OXT HXT  sing N N 280 
THR N   CA   sing N N 281 
THR N   H    sing N N 282 
THR N   H2   sing N N 283 
THR CA  C    sing N N 284 
THR CA  CB   sing N N 285 
THR CA  HA   sing N N 286 
THR C   O    doub N N 287 
THR C   OXT  sing N N 288 
THR CB  OG1  sing N N 289 
THR CB  CG2  sing N N 290 
THR CB  HB   sing N N 291 
THR OG1 HG1  sing N N 292 
THR CG2 HG21 sing N N 293 
THR CG2 HG22 sing N N 294 
THR CG2 HG23 sing N N 295 
THR OXT HXT  sing N N 296 
TRP N   CA   sing N N 297 
TRP N   H    sing N N 298 
TRP N   H2   sing N N 299 
TRP CA  C    sing N N 300 
TRP CA  CB   sing N N 301 
TRP CA  HA   sing N N 302 
TRP C   O    doub N N 303 
TRP C   OXT  sing N N 304 
TRP CB  CG   sing N N 305 
TRP CB  HB2  sing N N 306 
TRP CB  HB3  sing N N 307 
TRP CG  CD1  doub Y N 308 
TRP CG  CD2  sing Y N 309 
TRP CD1 NE1  sing Y N 310 
TRP CD1 HD1  sing N N 311 
TRP CD2 CE2  doub Y N 312 
TRP CD2 CE3  sing Y N 313 
TRP NE1 CE2  sing Y N 314 
TRP NE1 HE1  sing N N 315 
TRP CE2 CZ2  sing Y N 316 
TRP CE3 CZ3  doub Y N 317 
TRP CE3 HE3  sing N N 318 
TRP CZ2 CH2  doub Y N 319 
TRP CZ2 HZ2  sing N N 320 
TRP CZ3 CH2  sing Y N 321 
TRP CZ3 HZ3  sing N N 322 
TRP CH2 HH2  sing N N 323 
TRP OXT HXT  sing N N 324 
TYR N   CA   sing N N 325 
TYR N   H    sing N N 326 
TYR N   H2   sing N N 327 
TYR CA  C    sing N N 328 
TYR CA  CB   sing N N 329 
TYR CA  HA   sing N N 330 
TYR C   O    doub N N 331 
TYR C   OXT  sing N N 332 
TYR CB  CG   sing N N 333 
TYR CB  HB2  sing N N 334 
TYR CB  HB3  sing N N 335 
TYR CG  CD1  doub Y N 336 
TYR CG  CD2  sing Y N 337 
TYR CD1 CE1  sing Y N 338 
TYR CD1 HD1  sing N N 339 
TYR CD2 CE2  doub Y N 340 
TYR CD2 HD2  sing N N 341 
TYR CE1 CZ   doub Y N 342 
TYR CE1 HE1  sing N N 343 
TYR CE2 CZ   sing Y N 344 
TYR CE2 HE2  sing N N 345 
TYR CZ  OH   sing N N 346 
TYR OH  HH   sing N N 347 
TYR OXT HXT  sing N N 348 
VAL N   CA   sing N N 349 
VAL N   H    sing N N 350 
VAL N   H2   sing N N 351 
VAL CA  C    sing N N 352 
VAL CA  CB   sing N N 353 
VAL CA  HA   sing N N 354 
VAL C   O    doub N N 355 
VAL C   OXT  sing N N 356 
VAL CB  CG1  sing N N 357 
VAL CB  CG2  sing N N 358 
VAL CB  HB   sing N N 359 
VAL CG1 HG11 sing N N 360 
VAL CG1 HG12 sing N N 361 
VAL CG1 HG13 sing N N 362 
VAL CG2 HG21 sing N N 363 
VAL CG2 HG22 sing N N 364 
VAL CG2 HG23 sing N N 365 
VAL OXT HXT  sing N N 366 
# 
_atom_sites.entry_id                    5SVX 
_atom_sites.fract_transf_matrix[1][1]   0.00559776 
_atom_sites.fract_transf_matrix[1][2]   0.00805095 
_atom_sites.fract_transf_matrix[1][3]   0.03046059 
_atom_sites.fract_transf_matrix[2][1]   -0.01294043 
_atom_sites.fract_transf_matrix[2][2]   -0.00553235 
_atom_sites.fract_transf_matrix[2][3]   0.00384031 
_atom_sites.fract_transf_matrix[3][1]   0.01610350 
_atom_sites.fract_transf_matrix[3][2]   -0.03356325 
_atom_sites.fract_transf_matrix[3][3]   0.00591165 
_atom_sites.fract_transf_vector[1]      2.286854 
_atom_sites.fract_transf_vector[2]      1.137758 
_atom_sites.fract_transf_vector[3]      0.269892 
# 
loop_
_atom_type.symbol 
C  
N  
O  
S  
ZN 
# 
loop_
_atom_site.group_PDB 
_atom_site.id 
_atom_site.type_symbol 
_atom_site.label_atom_id 
_atom_site.label_alt_id 
_atom_site.label_comp_id 
_atom_site.label_asym_id 
_atom_site.label_entity_id 
_atom_site.label_seq_id 
_atom_site.pdbx_PDB_ins_code 
_atom_site.Cartn_x 
_atom_site.Cartn_y 
_atom_site.Cartn_z 
_atom_site.occupancy 
_atom_site.B_iso_or_equiv 
_atom_site.pdbx_formal_charge 
_atom_site.auth_seq_id 
_atom_site.auth_comp_id 
_atom_site.auth_asym_id 
_atom_site.auth_atom_id 
_atom_site.pdbx_PDB_model_num 
ATOM   1   N  N   . SER A 1 1  ? -3.670  13.156  -9.932  1.00 24.83 ? 0   SER A N   1 
ATOM   2   C  CA  . SER A 1 1  ? -3.253  12.571  -8.630  1.00 21.12 ? 0   SER A CA  1 
ATOM   3   C  C   . SER A 1 1  ? -2.575  11.221  -8.831  1.00 18.96 ? 0   SER A C   1 
ATOM   4   O  O   . SER A 1 1  ? -2.979  10.427  -9.681  1.00 19.74 ? 0   SER A O   1 
ATOM   5   C  CB  . SER A 1 1  ? -4.457  12.409  -7.699  1.00 24.50 ? 0   SER A CB  1 
ATOM   6   O  OG  . SER A 1 1  ? -5.246  13.584  -7.679  1.00 30.27 ? 0   SER A OG  1 
ATOM   7   N  N   . ASP A 1 2  ? -1.542  10.976  -8.033  1.00 14.49 ? 1   ASP A N   1 
ATOM   8   C  CA  . ASP A 1 2  ? -0.798  9.726   -8.078  1.00 11.83 ? 1   ASP A CA  1 
ATOM   9   C  C   . ASP A 1 2  ? -1.371  8.720   -7.087  1.00 11.89 ? 1   ASP A C   1 
ATOM   10  O  O   . ASP A 1 2  ? -2.163  9.064   -6.207  1.00 12.62 ? 1   ASP A O   1 
ATOM   11  C  CB  . ASP A 1 2  ? 0.679   9.968   -7.761  1.00 14.33 ? 1   ASP A CB  1 
ATOM   12  C  CG  . ASP A 1 2  ? 1.395   10.762  -8.839  1.00 22.50 ? 1   ASP A CG  1 
ATOM   13  O  OD1 . ASP A 1 2  ? 0.944   10.750  -10.005 1.00 20.73 ? 1   ASP A OD1 1 
ATOM   14  O  OD2 . ASP A 1 2  ? 2.425   11.392  -8.515  1.00 31.13 ? 1   ASP A OD2 1 
ATOM   15  N  N   . GLN A 1 3  ? -0.938  7.478   -7.240  1.00 10.54 ? 2   GLN A N   1 
ATOM   16  C  CA  . GLN A 1 3  ? -1.280  6.401   -6.323  1.00 8.86  ? 2   GLN A CA  1 
ATOM   17  C  C   . GLN A 1 3  ? -0.228  6.278   -5.232  1.00 9.53  ? 2   GLN A C   1 
ATOM   18  O  O   . GLN A 1 3  ? 0.952   6.132   -5.532  1.00 9.23  ? 2   GLN A O   1 
ATOM   19  C  CB  . GLN A 1 3  ? -1.388  5.083   -7.089  1.00 8.38  ? 2   GLN A CB  1 
ATOM   20  C  CG  . GLN A 1 3  ? -1.681  3.867   -6.224  1.00 6.03  ? 2   GLN A CG  1 
ATOM   21  C  CD  . GLN A 1 3  ? -3.101  3.870   -5.719  1.00 8.38  ? 2   GLN A CD  1 
ATOM   22  O  OE1 . GLN A 1 3  ? -4.049  3.845   -6.504  1.00 9.96  ? 2   GLN A OE1 1 
ATOM   23  N  NE2 . GLN A 1 3  ? -3.262  3.913   -4.404  1.00 7.46  ? 2   GLN A NE2 1 
ATOM   24  N  N   . THR A 1 4  ? -0.654  6.320   -3.974  1.00 7.38  ? 3   THR A N   1 
ATOM   25  C  CA  . THR A 1 4  ? 0.253   6.056   -2.866  1.00 6.70  ? 3   THR A CA  1 
ATOM   26  C  C   . THR A 1 4  ? 0.265   4.566   -2.561  1.00 6.14  ? 3   THR A C   1 
ATOM   27  O  O   . THR A 1 4  ? -0.783  3.915   -2.554  1.00 6.74  ? 3   THR A O   1 
ATOM   28  C  CB  . THR A 1 4  ? -0.141  6.830   -1.605  1.00 9.80  ? 3   THR A CB  1 
ATOM   29  O  OG1 . THR A 1 4  ? -0.137  8.231   -1.892  1.00 13.34 ? 3   THR A OG1 1 
ATOM   30  C  CG2 . THR A 1 4  ? 0.836   6.548   -0.474  1.00 9.79  ? 3   THR A CG2 1 
ATOM   31  N  N   . TRP A 1 5  ? 1.466   4.038   -2.339  1.00 5.41  ? 4   TRP A N   1 
ATOM   32  C  CA  . TRP A 1 5  ? 1.657   2.674   -1.858  1.00 5.36  ? 4   TRP A CA  1 
ATOM   33  C  C   . TRP A 1 5  ? 2.450   2.711   -0.566  1.00 6.43  ? 4   TRP A C   1 
ATOM   34  O  O   . TRP A 1 5  ? 3.256   3.619   -0.361  1.00 7.23  ? 4   TRP A O   1 
ATOM   35  C  CB  . TRP A 1 5  ? 2.429   1.801   -2.841  1.00 5.05  ? 4   TRP A CB  1 
ATOM   36  C  CG  . TRP A 1 5  ? 1.978   1.762   -4.270  1.00 5.04  ? 4   TRP A CG  1 
ATOM   37  C  CD1 . TRP A 1 5  ? 1.889   2.811   -5.137  1.00 7.44  ? 4   TRP A CD1 1 
ATOM   38  C  CD2 . TRP A 1 5  ? 1.626   0.589   -5.017  1.00 5.57  ? 4   TRP A CD2 1 
ATOM   39  N  NE1 . TRP A 1 5  ? 1.482   2.364   -6.373  1.00 7.38  ? 4   TRP A NE1 1 
ATOM   40  C  CE2 . TRP A 1 5  ? 1.319   1.005   -6.324  1.00 7.75  ? 4   TRP A CE2 1 
ATOM   41  C  CE3 . TRP A 1 5  ? 1.539   -0.771  -4.702  1.00 6.74  ? 4   TRP A CE3 1 
ATOM   42  C  CZ2 . TRP A 1 5  ? 0.921   0.108   -7.318  1.00 8.93  ? 4   TRP A CZ2 1 
ATOM   43  C  CZ3 . TRP A 1 5  ? 1.147   -1.657  -5.684  1.00 8.11  ? 4   TRP A CZ3 1 
ATOM   44  C  CH2 . TRP A 1 5  ? 0.842   -1.216  -6.978  1.00 8.89  ? 4   TRP A CH2 1 
ATOM   45  N  N   . VAL A 1 6  ? 2.251   1.698   0.271   1.00 4.84  ? 5   VAL A N   1 
ATOM   46  C  CA  . VAL A 1 6  ? 3.059   1.499   1.475   1.00 4.19  ? 5   VAL A CA  1 
ATOM   47  C  C   . VAL A 1 6  ? 3.653   0.093   1.435   1.00 5.94  ? 5   VAL A C   1 
ATOM   48  O  O   . VAL A 1 6  ? 3.021   -0.841  0.944   1.00 6.56  ? 5   VAL A O   1 
ATOM   49  C  CB  . VAL A 1 6  ? 2.227   1.696   2.765   1.00 5.38  ? 5   VAL A CB  1 
ATOM   50  C  CG1 . VAL A 1 6  ? 1.049   0.714   2.821   1.00 6.48  ? 5   VAL A CG1 1 
ATOM   51  C  CG2 . VAL A 1 6  ? 3.100   1.562   4.001   1.00 7.00  ? 5   VAL A CG2 1 
ATOM   52  N  N   . GLN A 1 7  ? 4.873   -0.057  1.941   1.00 4.73  ? 6   GLN A N   1 
ATOM   53  C  CA  . GLN A 1 7  ? 5.506   -1.369  1.976   1.00 4.95  ? 6   GLN A CA  1 
ATOM   54  C  C   . GLN A 1 7  ? 5.268   -2.071  3.301   1.00 5.17  ? 6   GLN A C   1 
ATOM   55  O  O   . GLN A 1 7  ? 5.447   -1.490  4.369   1.00 6.56  ? 6   GLN A O   1 
ATOM   56  C  CB  . GLN A 1 7  ? 7.009   -1.262  1.722   1.00 5.71  ? 6   GLN A CB  1 
ATOM   57  C  CG  . GLN A 1 7  ? 7.667   -2.622  1.603   1.00 6.07  ? 6   GLN A CG  1 
ATOM   58  C  CD  . GLN A 1 7  ? 9.125   -2.541  1.223   1.00 8.68  ? 6   GLN A CD  1 
ATOM   59  O  OE1 . GLN A 1 7  ? 9.920   -1.886  1.896   1.00 8.85  ? 6   GLN A OE1 1 
ATOM   60  N  NE2 . GLN A 1 7  ? 9.487   -3.211  0.137   1.00 10.34 ? 6   GLN A NE2 1 
ATOM   61  N  N   . CYS A 1 8  ? 4.862   -3.331  3.222   1.00 5.59  ? 7   CYS A N   1 
ATOM   62  C  CA  . CYS A 1 8  ? 4.762   -4.172  4.404   1.00 4.79  ? 7   CYS A CA  1 
ATOM   63  C  C   . CYS A 1 8  ? 6.144   -4.455  4.979   1.00 5.69  ? 7   CYS A C   1 
ATOM   64  O  O   . CYS A 1 8  ? 7.031   -4.922  4.277   1.00 6.24  ? 7   CYS A O   1 
ATOM   65  C  CB  . CYS A 1 8  ? 4.065   -5.487  4.072   1.00 6.11  ? 7   CYS A CB  1 
ATOM   66  S  SG  . CYS A 1 8  ? 3.955   -6.584  5.498   1.00 5.73  ? 7   CYS A SG  1 
ATOM   67  N  N   . ASP A 1 9  ? 6.324   -4.183  6.265   1.00 5.50  ? 8   ASP A N   1 
ATOM   68  C  CA  . ASP A 1 9  ? 7.636   -4.346  6.872   1.00 6.31  ? 8   ASP A CA  1 
ATOM   69  C  C   . ASP A 1 9  ? 7.939   -5.801  7.238   1.00 9.30  ? 8   ASP A C   1 
ATOM   70  O  O   . ASP A 1 9  ? 9.046   -6.110  7.680   1.00 11.81 ? 8   ASP A O   1 
ATOM   71  C  CB  . ASP A 1 9  ? 7.746   -3.428  8.090   1.00 6.47  ? 8   ASP A CB  1 
ATOM   72  C  CG  . ASP A 1 9  ? 7.888   -1.960  7.691   1.00 9.29  ? 8   ASP A CG  1 
ATOM   73  O  OD1 . ASP A 1 9  ? 8.658   -1.679  6.748   1.00 10.27 ? 8   ASP A OD1 1 
ATOM   74  O  OD2 . ASP A 1 9  ? 7.224   -1.084  8.290   1.00 9.63  ? 8   ASP A OD2 1 
ATOM   75  N  N   . ALA A 1 10 ? 6.977   -6.697  7.019   1.00 6.40  ? 9   ALA A N   1 
ATOM   76  C  CA  . ALA A 1 10 ? 7.205   -8.132  7.214   1.00 6.86  ? 9   ALA A CA  1 
ATOM   77  C  C   . ALA A 1 10 ? 7.529   -8.835  5.898   1.00 7.74  ? 9   ALA A C   1 
ATOM   78  O  O   . ALA A 1 10 ? 8.536   -9.539  5.803   1.00 11.77 ? 9   ALA A O   1 
ATOM   79  C  CB  . ALA A 1 10 ? 5.992   -8.782  7.864   1.00 9.26  ? 9   ALA A CB  1 
ATOM   80  N  N   . CYS A 1 11 ? 6.682   -8.647  4.886   1.00 7.75  ? 10  CYS A N   1 
ATOM   81  C  CA  . CYS A 1 11 ? 6.817   -9.404  3.638   1.00 6.36  ? 10  CYS A CA  1 
ATOM   82  C  C   . CYS A 1 11 ? 7.384   -8.581  2.475   1.00 5.84  ? 10  CYS A C   1 
ATOM   83  O  O   . CYS A 1 11 ? 7.706   -9.134  1.423   1.00 8.23  ? 10  CYS A O   1 
ATOM   84  C  CB  . CYS A 1 11 ? 5.461   -10.007 3.241   1.00 7.46  ? 10  CYS A CB  1 
ATOM   85  S  SG  . CYS A 1 11 ? 4.284   -8.871  2.470   1.00 6.26  ? 10  CYS A SG  1 
ATOM   86  N  N   . LEU A 1 12 ? 7.489   -7.267  2.679   1.00 6.72  ? 11  LEU A N   1 
ATOM   87  C  CA  . LEU A 1 12 ? 8.094   -6.330  1.727   1.00 5.86  ? 11  LEU A CA  1 
ATOM   88  C  C   . LEU A 1 12 ? 7.261   -6.122  0.458   1.00 5.81  ? 11  LEU A C   1 
ATOM   89  O  O   . LEU A 1 12 ? 7.722   -5.492  -0.499  1.00 7.65  ? 11  LEU A O   1 
ATOM   90  C  CB  . LEU A 1 12 ? 9.515   -6.782  1.358   1.00 7.16  ? 11  LEU A CB  1 
ATOM   91  C  CG  . LEU A 1 12 ? 10.477  -6.910  2.541   1.00 9.62  ? 11  LEU A CG  1 
ATOM   92  C  CD1 . LEU A 1 12 ? 11.859  -7.326  2.037   1.00 14.08 ? 11  LEU A CD1 1 
ATOM   93  C  CD2 . LEU A 1 12 ? 10.565  -5.612  3.337   1.00 12.17 ? 11  LEU A CD2 1 
ATOM   94  N  N   . LYS A 1 13 ? 6.021   -6.599  0.455   1.00 5.56  ? 12  LYS A N   1 
ATOM   95  C  CA  . LYS A 1 13 ? 5.110   -6.258  -0.636  1.00 5.38  ? 12  LYS A CA  1 
ATOM   96  C  C   . LYS A 1 13 ? 4.620   -4.824  -0.504  1.00 5.82  ? 12  LYS A C   1 
ATOM   97  O  O   . LYS A 1 13 ? 4.421   -4.310  0.599   1.00 6.49  ? 12  LYS A O   1 
ATOM   98  C  CB  . LYS A 1 13 ? 3.906   -7.194  -0.674  1.00 6.50  ? 12  LYS A CB  1 
ATOM   99  C  CG  . LYS A 1 13 ? 4.239   -8.622  -1.050  1.00 7.00  ? 12  LYS A CG  1 
ATOM   100 C  CD  . LYS A 1 13 ? 2.977   -9.461  -1.113  1.00 8.21  ? 12  LYS A CD  1 
ATOM   101 C  CE  . LYS A 1 13 ? 3.280   -10.921 -1.385  1.00 9.39  ? 12  LYS A CE  1 
ATOM   102 N  NZ  . LYS A 1 13 ? 4.026   -11.546 -0.265  1.00 9.28  ? 12  LYS A NZ  1 
ATOM   103 N  N   . TRP A 1 14 ? 4.417   -4.193  -1.649  1.00 5.25  ? 13  TRP A N   1 
ATOM   104 C  CA  . TRP A 1 14 ? 3.815   -2.877  -1.711  1.00 5.24  ? 13  TRP A CA  1 
ATOM   105 C  C   . TRP A 1 14 ? 2.298   -2.981  -1.830  1.00 4.42  ? 13  TRP A C   1 
ATOM   106 O  O   . TRP A 1 14 ? 1.778   -3.757  -2.644  1.00 5.24  ? 13  TRP A O   1 
ATOM   107 C  CB  . TRP A 1 14 ? 4.388   -2.100  -2.891  1.00 5.45  ? 13  TRP A CB  1 
ATOM   108 C  CG  . TRP A 1 14 ? 5.830   -1.774  -2.721  1.00 6.58  ? 13  TRP A CG  1 
ATOM   109 C  CD1 . TRP A 1 14 ? 6.900   -2.525  -3.117  1.00 7.38  ? 13  TRP A CD1 1 
ATOM   110 C  CD2 . TRP A 1 14 ? 6.368   -0.602  -2.104  1.00 7.06  ? 13  TRP A CD2 1 
ATOM   111 N  NE1 . TRP A 1 14 ? 8.073   -1.889  -2.783  1.00 7.30  ? 13  TRP A NE1 1 
ATOM   112 C  CE2 . TRP A 1 14 ? 7.771   -0.708  -2.157  1.00 6.58  ? 13  TRP A CE2 1 
ATOM   113 C  CE3 . TRP A 1 14 ? 5.799   0.523   -1.505  1.00 5.56  ? 13  TRP A CE3 1 
ATOM   114 C  CZ2 . TRP A 1 14 ? 8.611   0.276   -1.647  1.00 7.29  ? 13  TRP A CZ2 1 
ATOM   115 C  CZ3 . TRP A 1 14 ? 6.634   1.495   -0.996  1.00 6.19  ? 13  TRP A CZ3 1 
ATOM   116 C  CH2 . TRP A 1 14 ? 8.024   1.366   -1.071  1.00 7.13  ? 13  TRP A CH2 1 
ATOM   117 N  N   . ARG A 1 15 ? 1.604   -2.193  -1.013  1.00 4.67  ? 14  ARG A N   1 
ATOM   118 C  CA  . ARG A 1 15 ? 0.144   -2.174  -0.978  1.00 3.83  ? 14  ARG A CA  1 
ATOM   119 C  C   . ARG A 1 15 ? -0.376  -0.785  -1.299  1.00 4.54  ? 14  ARG A C   1 
ATOM   120 O  O   . ARG A 1 15 ? 0.076   0.196   -0.729  1.00 5.53  ? 14  ARG A O   1 
ATOM   121 C  CB  . ARG A 1 15 ? -0.375  -2.604  0.395   1.00 4.93  ? 14  ARG A CB  1 
ATOM   122 C  CG  . ARG A 1 15 ? 0.101   -3.969  0.835   1.00 5.18  ? 14  ARG A CG  1 
ATOM   123 C  CD  . ARG A 1 15 ? -0.289  -5.046  -0.152  1.00 5.07  ? 14  ARG A CD  1 
ATOM   124 N  NE  . ARG A 1 15 ? -0.158  -6.375  0.443   1.00 6.57  ? 14  ARG A NE  1 
ATOM   125 C  CZ  . ARG A 1 15 ? -0.251  -7.516  -0.235  1.00 4.18  ? 14  ARG A CZ  1 
ATOM   126 N  NH1 . ARG A 1 15 ? -0.451  -7.507  -1.543  1.00 4.78  ? 14  ARG A NH1 1 
ATOM   127 N  NH2 . ARG A 1 15 ? -0.122  -8.670  0.401   1.00 5.84  ? 14  ARG A NH2 1 
ATOM   128 N  N   . LYS A 1 16 ? -1.335  -0.708  -2.214  1.00 4.58  ? 15  LYS A N   1 
ATOM   129 C  CA  . LYS A 1 16 ? -2.000  0.552   -2.500  1.00 5.25  ? 15  LYS A CA  1 
ATOM   130 C  C   . LYS A 1 16 ? -2.763  1.029   -1.279  1.00 4.79  ? 15  LYS A C   1 
ATOM   131 O  O   . LYS A 1 16 ? -3.357  0.219   -0.565  1.00 6.83  ? 15  LYS A O   1 
ATOM   132 C  CB  . LYS A 1 16 ? -2.960  0.402   -3.672  1.00 5.01  ? 15  LYS A CB  1 
ATOM   133 C  CG  . LYS A 1 16 ? -2.290  0.076   -4.993  1.00 6.38  ? 15  LYS A CG  1 
ATOM   134 C  CD  . LYS A 1 16 ? -3.303  0.087   -6.115  1.00 7.42  ? 15  LYS A CD  1 
ATOM   135 C  CE  . LYS A 1 16 ? -2.698  -0.364  -7.424  1.00 9.93  ? 15  LYS A CE  1 
ATOM   136 N  NZ  . LYS A 1 16 ? -3.648  -0.161  -8.561  1.00 12.71 ? 15  LYS A NZ  1 
ATOM   137 N  N   . LEU A 1 17 ? -2.739  2.338   -1.047  1.00 5.57  ? 16  LEU A N   1 
ATOM   138 C  CA  . LEU A 1 17 ? -3.506  2.961   0.024   1.00 6.21  ? 16  LEU A CA  1 
ATOM   139 C  C   . LEU A 1 17 ? -4.512  3.945   -0.542  1.00 6.66  ? 16  LEU A C   1 
ATOM   140 O  O   . LEU A 1 17 ? -4.291  4.493   -1.615  1.00 7.51  ? 16  LEU A O   1 
ATOM   141 C  CB  . LEU A 1 17 ? -2.589  3.697   0.994   1.00 10.03 ? 16  LEU A CB  1 
ATOM   142 C  CG  . LEU A 1 17 ? -1.698  2.850   1.896   1.00 8.13  ? 16  LEU A CG  1 
ATOM   143 C  CD1 . LEU A 1 17 ? -0.793  3.770   2.700   1.00 11.20 ? 16  LEU A CD1 1 
ATOM   144 C  CD2 . LEU A 1 17 ? -2.532  1.974   2.819   1.00 9.47  ? 16  LEU A CD2 1 
ATOM   145 N  N   . PRO A 1 18 ? -5.602  4.193   0.198   1.00 6.65  ? 17  PRO A N   1 
ATOM   146 C  CA  . PRO A 1 18 ? -6.548  5.246   -0.188  1.00 8.73  ? 17  PRO A CA  1 
ATOM   147 C  C   . PRO A 1 18 ? -5.853  6.591   -0.279  1.00 9.99  ? 17  PRO A C   1 
ATOM   148 O  O   . PRO A 1 18 ? -4.939  6.850   0.501   1.00 8.85  ? 17  PRO A O   1 
ATOM   149 C  CB  . PRO A 1 18 ? -7.572  5.244   0.951   1.00 9.55  ? 17  PRO A CB  1 
ATOM   150 C  CG  . PRO A 1 18 ? -7.432  3.922   1.607   1.00 11.48 ? 17  PRO A CG  1 
ATOM   151 C  CD  . PRO A 1 18 ? -5.999  3.532   1.452   1.00 9.16  ? 17  PRO A CD  1 
ATOM   152 N  N   . ASP A 1 19 ? -6.283  7.437   -1.207  1.00 8.77  ? 18  ASP A N   1 
ATOM   153 C  CA  . ASP A 1 19 ? -5.744  8.783   -1.288  1.00 10.90 ? 18  ASP A CA  1 
ATOM   154 C  C   . ASP A 1 19 ? -6.031  9.494   0.027   1.00 10.93 ? 18  ASP A C   1 
ATOM   155 O  O   . ASP A 1 19 ? -7.078  9.288   0.634   1.00 13.06 ? 18  ASP A O   1 
ATOM   156 C  CB  . ASP A 1 19 ? -6.362  9.581   -2.444  1.00 9.23  ? 18  ASP A CB  1 
ATOM   157 C  CG  . ASP A 1 19 ? -6.179  8.923   -3.809  1.00 11.23 ? 18  ASP A CG  1 
ATOM   158 O  OD1 . ASP A 1 19 ? -5.418  7.941   -3.940  1.00 9.98  ? 18  ASP A OD1 1 
ATOM   159 O  OD2 . ASP A 1 19 ? -6.802  9.417   -4.776  1.00 9.14  ? 18  ASP A OD2 1 
ATOM   160 N  N   . GLY A 1 20 ? -5.103  10.328  0.470   1.00 12.30 ? 19  GLY A N   1 
ATOM   161 C  CA  . GLY A 1 20 ? -5.334  11.124  1.662   1.00 13.79 ? 19  GLY A CA  1 
ATOM   162 C  C   . GLY A 1 20 ? -5.181  10.371  2.970   1.00 16.39 ? 19  GLY A C   1 
ATOM   163 O  O   . GLY A 1 20 ? -5.500  10.902  4.029   1.00 12.71 ? 19  GLY A O   1 
ATOM   164 N  N   . MET A 1 21 ? -4.718  9.126   2.904   1.00 15.32 ? 20  MET A N   1 
ATOM   165 C  CA  . MET A 1 21 ? -4.215  8.452   4.093   1.00 16.42 ? 20  MET A CA  1 
ATOM   166 C  C   . MET A 1 21 ? -2.804  8.981   4.310   1.00 25.06 ? 20  MET A C   1 
ATOM   167 O  O   . MET A 1 21 ? -1.822  8.355   3.911   1.00 29.41 ? 20  MET A O   1 
ATOM   168 C  CB  . MET A 1 21 ? -4.227  6.930   3.929   1.00 17.44 ? 20  MET A CB  1 
ATOM   169 C  CG  . MET A 1 21 ? -5.255  6.218   4.784   1.00 32.69 ? 20  MET A CG  1 
ATOM   170 S  SD  . MET A 1 21 ? -4.743  4.532   5.174   1.00 34.76 ? 20  MET A SD  1 
ATOM   171 C  CE  . MET A 1 21 ? -5.318  4.403   6.867   1.00 37.12 ? 20  MET A CE  1 
ATOM   172 N  N   . ASP A 1 22 ? -2.717  10.154  4.930   1.00 21.38 ? 21  ASP A N   1 
ATOM   173 C  CA  . ASP A 1 22 ? -1.474  10.920  4.962   1.00 27.34 ? 21  ASP A CA  1 
ATOM   174 C  C   . ASP A 1 22 ? -0.694  10.736  6.258   1.00 30.30 ? 21  ASP A C   1 
ATOM   175 O  O   . ASP A 1 22 ? 0.390   11.300  6.417   1.00 34.86 ? 21  ASP A O   1 
ATOM   176 C  CB  . ASP A 1 22 ? -1.770  12.408  4.750   1.00 28.28 ? 21  ASP A CB  1 
ATOM   177 C  CG  . ASP A 1 22 ? -2.709  12.974  5.802   1.00 28.18 ? 21  ASP A CG  1 
ATOM   178 O  OD1 . ASP A 1 22 ? -3.564  12.217  6.311   1.00 32.49 ? 21  ASP A OD1 1 
ATOM   179 O  OD2 . ASP A 1 22 ? -2.598  14.178  6.118   1.00 32.24 ? 21  ASP A OD2 1 
ATOM   180 N  N   . GLN A 1 23 ? -1.243  9.949   7.178   1.00 25.17 ? 22  GLN A N   1 
ATOM   181 C  CA  . GLN A 1 23 ? -0.583  9.683   8.450   1.00 29.19 ? 22  GLN A CA  1 
ATOM   182 C  C   . GLN A 1 23 ? -0.561  8.187   8.736   1.00 24.98 ? 22  GLN A C   1 
ATOM   183 O  O   . GLN A 1 23 ? -1.603  7.559   8.926   1.00 31.25 ? 22  GLN A O   1 
ATOM   184 C  CB  . GLN A 1 23 ? -1.279  10.437  9.584   1.00 32.67 ? 22  GLN A CB  1 
ATOM   185 C  CG  . GLN A 1 23 ? -1.199  11.950  9.438   1.00 37.82 ? 22  GLN A CG  1 
ATOM   186 C  CD  . GLN A 1 23 ? -1.623  12.692  10.695  1.00 43.84 ? 22  GLN A CD  1 
ATOM   187 O  OE1 . GLN A 1 23 ? -1.293  12.288  11.812  1.00 48.68 ? 22  GLN A OE1 1 
ATOM   188 N  NE2 . GLN A 1 23 ? -2.356  13.786  10.517  1.00 41.93 ? 22  GLN A NE2 1 
ATOM   189 N  N   . LEU A 1 24 ? 0.646   7.628   8.757   1.00 14.97 ? 23  LEU A N   1 
ATOM   190 C  CA  . LEU A 1 24 ? 0.849   6.205   8.991   1.00 11.62 ? 23  LEU A CA  1 
ATOM   191 C  C   . LEU A 1 24 ? 1.725   5.988   10.216  1.00 10.97 ? 23  LEU A C   1 
ATOM   192 O  O   . LEU A 1 24 ? 2.469   6.887   10.613  1.00 12.51 ? 23  LEU A O   1 
ATOM   193 C  CB  . LEU A 1 24 ? 1.496   5.551   7.765   1.00 10.67 ? 23  LEU A CB  1 
ATOM   194 C  CG  . LEU A 1 24 ? 0.665   5.606   6.484   1.00 11.89 ? 23  LEU A CG  1 
ATOM   195 C  CD1 . LEU A 1 24 ? 1.534   5.291   5.276   1.00 13.51 ? 23  LEU A CD1 1 
ATOM   196 C  CD2 . LEU A 1 24 ? -0.510  4.638   6.570   1.00 14.36 ? 23  LEU A CD2 1 
ATOM   197 N  N   . PRO A 1 25 ? 1.639   4.795   10.821  1.00 10.19 ? 24  PRO A N   1 
ATOM   198 C  CA  . PRO A 1 25 ? 2.561   4.430   11.900  1.00 10.05 ? 24  PRO A CA  1 
ATOM   199 C  C   . PRO A 1 25 ? 3.985   4.279   11.381  1.00 9.44  ? 24  PRO A C   1 
ATOM   200 O  O   . PRO A 1 25 ? 4.184   4.221   10.164  1.00 10.67 ? 24  PRO A O   1 
ATOM   201 C  CB  . PRO A 1 25 ? 2.010   3.089   12.401  1.00 10.85 ? 24  PRO A CB  1 
ATOM   202 C  CG  . PRO A 1 25 ? 1.247   2.540   11.239  1.00 13.48 ? 24  PRO A CG  1 
ATOM   203 C  CD  . PRO A 1 25 ? 0.656   3.728   10.558  1.00 11.74 ? 24  PRO A CD  1 
ATOM   204 N  N   . GLU A 1 26 ? 4.963   4.218   12.276  1.00 9.96  ? 25  GLU A N   1 
ATOM   205 C  CA  . GLU A 1 26 ? 6.341   4.023   11.845  1.00 10.08 ? 25  GLU A CA  1 
ATOM   206 C  C   . GLU A 1 26 ? 6.472   2.702   11.093  1.00 9.70  ? 25  GLU A C   1 
ATOM   207 O  O   . GLU A 1 26 ? 7.003   2.665   9.979   1.00 10.31 ? 25  GLU A O   1 
ATOM   208 C  CB  . GLU A 1 26 ? 7.298   4.055   13.036  1.00 11.82 ? 25  GLU A CB  1 
ATOM   209 C  CG  . GLU A 1 26 ? 8.687   3.500   12.735  1.00 14.41 ? 25  GLU A CG  1 
ATOM   210 C  CD  . GLU A 1 26 ? 9.321   4.157   11.526  1.00 13.09 ? 25  GLU A CD  1 
ATOM   211 O  OE1 . GLU A 1 26 ? 9.158   5.384   11.371  1.00 15.45 ? 25  GLU A OE1 1 
ATOM   212 O  OE2 . GLU A 1 26 ? 9.975   3.451   10.729  1.00 12.17 ? 25  GLU A OE2 1 
ATOM   213 N  N   . LYS A 1 27 ? 5.989   1.621   11.699  1.00 9.00  ? 26  LYS A N   1 
ATOM   214 C  CA  . LYS A 1 27 ? 5.975   0.318   11.040  1.00 8.57  ? 26  LYS A CA  1 
ATOM   215 C  C   . LYS A 1 27 ? 4.572   0.019   10.534  1.00 8.44  ? 26  LYS A C   1 
ATOM   216 O  O   . LYS A 1 27 ? 3.578   0.364   11.173  1.00 9.74  ? 26  LYS A O   1 
ATOM   217 C  CB  . LYS A 1 27 ? 6.450   -0.784  11.987  1.00 11.80 ? 26  LYS A CB  1 
ATOM   218 C  CG  . LYS A 1 27 ? 7.887   -0.601  12.479  1.00 15.09 ? 26  LYS A CG  1 
ATOM   219 C  CD  . LYS A 1 27 ? 8.756   -1.778  12.104  1.00 26.62 ? 26  LYS A CD  1 
ATOM   220 C  CE  . LYS A 1 27 ? 10.175  -1.627  12.637  1.00 32.64 ? 26  LYS A CE  1 
ATOM   221 N  NZ  . LYS A 1 27 ? 10.221  -1.364  14.101  1.00 38.85 ? 26  LYS A NZ  1 
ATOM   222 N  N   . TRP A 1 28 ? 4.504   -0.609  9.367   1.00 6.03  ? 27  TRP A N   1 
ATOM   223 C  CA  . TRP A 1 28 ? 3.239   -0.930  8.726   1.00 4.96  ? 27  TRP A CA  1 
ATOM   224 C  C   . TRP A 1 28 ? 3.294   -2.347  8.179   1.00 5.45  ? 27  TRP A C   1 
ATOM   225 O  O   . TRP A 1 28 ? 4.319   -2.771  7.637   1.00 5.48  ? 27  TRP A O   1 
ATOM   226 C  CB  . TRP A 1 28 ? 2.937   0.060   7.598   1.00 5.84  ? 27  TRP A CB  1 
ATOM   227 C  CG  . TRP A 1 28 ? 1.544   -0.025  7.074   1.00 5.60  ? 27  TRP A CG  1 
ATOM   228 C  CD1 . TRP A 1 28 ? 0.480   0.735   7.459   1.00 6.89  ? 27  TRP A CD1 1 
ATOM   229 C  CD2 . TRP A 1 28 ? 1.060   -0.909  6.055   1.00 5.61  ? 27  TRP A CD2 1 
ATOM   230 N  NE1 . TRP A 1 28 ? -0.639  0.376   6.750   1.00 6.70  ? 27  TRP A NE1 1 
ATOM   231 C  CE2 . TRP A 1 28 ? -0.310  -0.632  5.885   1.00 5.12  ? 27  TRP A CE2 1 
ATOM   232 C  CE3 . TRP A 1 28 ? 1.649   -1.908  5.278   1.00 5.00  ? 27  TRP A CE3 1 
ATOM   233 C  CZ2 . TRP A 1 28 ? -1.099  -1.321  4.967   1.00 5.77  ? 27  TRP A CZ2 1 
ATOM   234 C  CZ3 . TRP A 1 28 ? 0.863   -2.589  4.371   1.00 6.30  ? 27  TRP A CZ3 1 
ATOM   235 C  CH2 . TRP A 1 28 ? -0.494  -2.295  4.224   1.00 5.60  ? 27  TRP A CH2 1 
ATOM   236 N  N   . TYR A 1 29 ? 2.189   -3.071  8.327   1.00 4.52  ? 28  TYR A N   1 
ATOM   237 C  CA  . TYR A 1 29 ? 2.077   -4.444  7.856   1.00 4.66  ? 28  TYR A CA  1 
ATOM   238 C  C   . TYR A 1 29 ? 0.772   -4.662  7.111   1.00 5.82  ? 28  TYR A C   1 
ATOM   239 O  O   . TYR A 1 29 ? -0.203  -3.954  7.338   1.00 5.54  ? 28  TYR A O   1 
ATOM   240 C  CB  . TYR A 1 29 ? 2.146   -5.424  9.026   1.00 4.99  ? 28  TYR A CB  1 
ATOM   241 C  CG  . TYR A 1 29 ? 3.323   -5.207  9.937   1.00 7.13  ? 28  TYR A CG  1 
ATOM   242 C  CD1 . TYR A 1 29 ? 4.536   -5.824  9.685   1.00 7.49  ? 28  TYR A CD1 1 
ATOM   243 C  CD2 . TYR A 1 29 ? 3.216   -4.394  11.053  1.00 9.00  ? 28  TYR A CD2 1 
ATOM   244 C  CE1 . TYR A 1 29 ? 5.617   -5.632  10.515  1.00 9.84  ? 28  TYR A CE1 1 
ATOM   245 C  CE2 . TYR A 1 29 ? 4.296   -4.198  11.895  1.00 9.38  ? 28  TYR A CE2 1 
ATOM   246 C  CZ  . TYR A 1 29 ? 5.489   -4.816  11.616  1.00 11.21 ? 28  TYR A CZ  1 
ATOM   247 O  OH  . TYR A 1 29 ? 6.572   -4.624  12.446  1.00 18.35 ? 28  TYR A OH  1 
ATOM   248 N  N   . CYS A 1 30 ? 0.758   -5.672  6.249   1.00 4.97  ? 29  CYS A N   1 
ATOM   249 C  CA  . CYS A 1 30 ? -0.434  -6.015  5.484   1.00 5.58  ? 29  CYS A CA  1 
ATOM   250 C  C   . CYS A 1 30 ? -1.659  -6.125  6.379   1.00 5.68  ? 29  CYS A C   1 
ATOM   251 O  O   . CYS A 1 30 ? -2.748  -5.713  5.998   1.00 5.83  ? 29  CYS A O   1 
ATOM   252 C  CB  . CYS A 1 30 ? -0.226  -7.328  4.738   1.00 5.13  ? 29  CYS A CB  1 
ATOM   253 S  SG  . CYS A 1 30 ? 0.973   -7.270  3.407   1.00 5.46  ? 29  CYS A SG  1 
ATOM   254 N  N   . SER A 1 31 ? -1.470  -6.663  7.580   1.00 6.02  ? 30  SER A N   1 
ATOM   255 C  CA  . SER A 1 31 ? -2.582  -6.861  8.504   1.00 7.63  ? 30  SER A CA  1 
ATOM   256 C  C   . SER A 1 31 ? -3.296  -5.557  8.872   1.00 7.50  ? 30  SER A C   1 
ATOM   257 O  O   . SER A 1 31 ? -4.417  -5.590  9.377   1.00 8.91  ? 30  SER A O   1 
ATOM   258 C  CB  . SER A 1 31 ? -2.087  -7.564  9.768   1.00 8.62  ? 30  SER A CB  1 
ATOM   259 O  OG  . SER A 1 31 ? -0.959  -6.906  10.309  1.00 10.39 ? 30  SER A OG  1 
ATOM   260 N  N   . ASN A 1 32 ? -2.659  -4.417  8.612   1.00 6.37  ? 31  ASN A N   1 
ATOM   261 C  CA  . ASN A 1 32 ? -3.270  -3.117  8.898   1.00 7.97  ? 31  ASN A CA  1 
ATOM   262 C  C   . ASN A 1 32 ? -3.976  -2.486  7.706   1.00 8.72  ? 31  ASN A C   1 
ATOM   263 O  O   . ASN A 1 32 ? -4.463  -1.357  7.792   1.00 9.43  ? 31  ASN A O   1 
ATOM   264 C  CB  . ASN A 1 32 ? -2.217  -2.143  9.410   1.00 8.44  ? 31  ASN A CB  1 
ATOM   265 C  CG  . ASN A 1 32 ? -2.820  -1.012  10.223  1.00 17.63 ? 31  ASN A CG  1 
ATOM   266 O  OD1 . ASN A 1 32 ? -3.910  -1.145  10.782  1.00 17.14 ? 31  ASN A OD1 1 
ATOM   267 N  ND2 . ASN A 1 32 ? -2.113  0.107   10.293  1.00 28.44 ? 31  ASN A ND2 1 
ATOM   268 N  N   . ASN A 1 33 ? -4.034  -3.207  6.594   1.00 7.32  ? 32  ASN A N   1 
ATOM   269 C  CA  . ASN A 1 33 ? -4.612  -2.660  5.369   1.00 7.01  ? 32  ASN A CA  1 
ATOM   270 C  C   . ASN A 1 33 ? -6.105  -2.368  5.530   1.00 7.56  ? 32  ASN A C   1 
ATOM   271 O  O   . ASN A 1 33 ? -6.858  -3.242  5.947   1.00 7.81  ? 32  ASN A O   1 
ATOM   272 C  CB  . ASN A 1 33 ? -4.390  -3.635  4.212   1.00 5.52  ? 32  ASN A CB  1 
ATOM   273 C  CG  . ASN A 1 33 ? -4.498  -2.971  2.860   1.00 6.38  ? 32  ASN A CG  1 
ATOM   274 O  OD1 . ASN A 1 33 ? -5.279  -2.036  2.669   1.00 7.25  ? 32  ASN A OD1 1 
ATOM   275 N  ND2 . ASN A 1 33 ? -3.711  -3.449  1.912   1.00 6.13  ? 32  ASN A ND2 1 
ATOM   276 N  N   . PRO A 1 34 ? -6.542  -1.137  5.205   1.00 7.35  ? 33  PRO A N   1 
ATOM   277 C  CA  . PRO A 1 34 ? -7.993  -0.914  5.262   1.00 7.07  ? 33  PRO A CA  1 
ATOM   278 C  C   . PRO A 1 34 ? -8.780  -1.777  4.280   1.00 10.10 ? 33  PRO A C   1 
ATOM   279 O  O   . PRO A 1 34 ? -9.983  -1.966  4.483   1.00 11.94 ? 33  PRO A O   1 
ATOM   280 C  CB  . PRO A 1 34 ? -8.147  0.576   4.919   1.00 11.31 ? 33  PRO A CB  1 
ATOM   281 C  CG  . PRO A 1 34 ? -6.852  1.000   4.341   1.00 14.35 ? 33  PRO A CG  1 
ATOM   282 C  CD  . PRO A 1 34 ? -5.802  0.104   4.915   1.00 10.26 ? 33  PRO A CD  1 
ATOM   283 N  N   . ASP A 1 35 ? -8.115  -2.291  3.247   1.00 7.37  ? 34  ASP A N   1 
ATOM   284 C  CA  . ASP A 1 35 ? -8.761  -3.145  2.256   1.00 7.92  ? 34  ASP A CA  1 
ATOM   285 C  C   . ASP A 1 35 ? -8.595  -4.605  2.663   1.00 7.79  ? 34  ASP A C   1 
ATOM   286 O  O   . ASP A 1 35 ? -7.480  -5.109  2.685   1.00 7.43  ? 34  ASP A O   1 
ATOM   287 C  CB  . ASP A 1 35 ? -8.158  -2.901  0.872   1.00 8.58  ? 34  ASP A CB  1 
ATOM   288 C  CG  . ASP A 1 35 ? -8.878  -3.660  -0.231  1.00 8.71  ? 34  ASP A CG  1 
ATOM   289 O  OD1 . ASP A 1 35 ? -9.691  -4.558  0.071   1.00 10.32 ? 34  ASP A OD1 1 
ATOM   290 O  OD2 . ASP A 1 35 ? -8.620  -3.358  -1.415  1.00 10.67 ? 34  ASP A OD2 1 
ATOM   291 N  N   . PRO A 1 36 ? -9.704  -5.293  2.980   1.00 7.84  ? 35  PRO A N   1 
ATOM   292 C  CA  . PRO A 1 36 ? -9.545  -6.675  3.450   1.00 7.55  ? 35  PRO A CA  1 
ATOM   293 C  C   . PRO A 1 36 ? -8.993  -7.632  2.388   1.00 9.14  ? 35  PRO A C   1 
ATOM   294 O  O   . PRO A 1 36 ? -8.539  -8.717  2.741   1.00 12.54 ? 35  PRO A O   1 
ATOM   295 C  CB  . PRO A 1 36 ? -10.969 -7.073  3.857   1.00 11.13 ? 35  PRO A CB  1 
ATOM   296 C  CG  . PRO A 1 36 ? -11.860 -6.147  3.126   1.00 16.28 ? 35  PRO A CG  1 
ATOM   297 C  CD  . PRO A 1 36 ? -11.112 -4.864  2.983   1.00 10.06 ? 35  PRO A CD  1 
ATOM   298 N  N   . GLN A 1 37 ? -9.023  -7.245  1.117   1.00 8.05  ? 36  GLN A N   1 
ATOM   299 C  CA  . GLN A 1 37 ? -8.485  -8.094  0.060   1.00 9.39  ? 36  GLN A CA  1 
ATOM   300 C  C   . GLN A 1 37 ? -6.967  -8.229  0.138   1.00 9.90  ? 36  GLN A C   1 
ATOM   301 O  O   . GLN A 1 37 ? -6.401  -9.204  -0.361  1.00 11.14 ? 36  GLN A O   1 
ATOM   302 C  CB  . GLN A 1 37 ? -8.859  -7.552  -1.319  1.00 9.80  ? 36  GLN A CB  1 
ATOM   303 C  CG  . GLN A 1 37 ? -10.327 -7.637  -1.649  1.00 10.38 ? 36  GLN A CG  1 
ATOM   304 C  CD  . GLN A 1 37 ? -10.587 -7.531  -3.135  1.00 10.63 ? 36  GLN A CD  1 
ATOM   305 O  OE1 . GLN A 1 37 ? -9.752  -7.923  -3.955  1.00 12.05 ? 36  GLN A OE1 1 
ATOM   306 N  NE2 . GLN A 1 37 ? -11.748 -6.998  -3.492  1.00 16.15 ? 36  GLN A NE2 1 
ATOM   307 N  N   . PHE A 1 38 ? -6.307  -7.247  0.747   1.00 7.50  ? 37  PHE A N   1 
ATOM   308 C  CA  . PHE A 1 38 ? -4.844  -7.204  0.777   1.00 7.69  ? 37  PHE A CA  1 
ATOM   309 C  C   . PHE A 1 38 ? -4.316  -7.106  2.204   1.00 9.20  ? 37  PHE A C   1 
ATOM   310 O  O   . PHE A 1 38 ? -3.334  -6.412  2.469   1.00 9.37  ? 37  PHE A O   1 
ATOM   311 C  CB  . PHE A 1 38 ? -4.343  -6.028  -0.063  1.00 7.68  ? 37  PHE A CB  1 
ATOM   312 C  CG  . PHE A 1 38 ? -4.727  -6.124  -1.512  1.00 8.29  ? 37  PHE A CG  1 
ATOM   313 C  CD1 . PHE A 1 38 ? -3.988  -6.907  -2.385  1.00 8.09  ? 37  PHE A CD1 1 
ATOM   314 C  CD2 . PHE A 1 38 ? -5.829  -5.449  -2.000  1.00 8.29  ? 37  PHE A CD2 1 
ATOM   315 C  CE1 . PHE A 1 38 ? -4.337  -7.013  -3.711  1.00 10.30 ? 37  PHE A CE1 1 
ATOM   316 C  CE2 . PHE A 1 38 ? -6.184  -5.546  -3.330  1.00 8.57  ? 37  PHE A CE2 1 
ATOM   317 C  CZ  . PHE A 1 38 ? -5.437  -6.329  -4.189  1.00 9.36  ? 37  PHE A CZ  1 
ATOM   318 N  N   . ARG A 1 39 ? -4.970  -7.830  3.105   1.00 8.25  ? 38  ARG A N   1 
ATOM   319 C  CA  . ARG A 1 39 ? -4.698  -7.751  4.532   1.00 7.68  ? 38  ARG A CA  1 
ATOM   320 C  C   . ARG A 1 39 ? -3.885  -8.950  5.038   1.00 10.05 ? 38  ARG A C   1 
ATOM   321 O  O   . ARG A 1 39 ? -3.677  -9.109  6.240   1.00 14.36 ? 38  ARG A O   1 
ATOM   322 C  CB  . ARG A 1 39 ? -6.027  -7.646  5.281   1.00 12.35 ? 38  ARG A CB  1 
ATOM   323 C  CG  . ARG A 1 39 ? -5.951  -7.049  6.658   1.00 12.68 ? 38  ARG A CG  1 
ATOM   324 C  CD  . ARG A 1 39 ? -7.348  -6.903  7.227   1.00 9.78  ? 38  ARG A CD  1 
ATOM   325 N  NE  . ARG A 1 39 ? -8.012  -5.682  6.783   1.00 10.32 ? 38  ARG A NE  1 
ATOM   326 C  CZ  . ARG A 1 39 ? -9.295  -5.418  6.987   1.00 10.03 ? 38  ARG A CZ  1 
ATOM   327 N  NH1 . ARG A 1 39 ? -10.068 -6.305  7.601   1.00 10.77 ? 38  ARG A NH1 1 
ATOM   328 N  NH2 . ARG A 1 39 ? -9.812  -4.272  6.566   1.00 13.07 ? 38  ARG A NH2 1 
ATOM   329 N  N   . ASN A 1 40 ? -3.424  -9.780  4.110   1.00 7.24  ? 39  ASN A N   1 
ATOM   330 C  CA  . ASN A 1 40 ? -2.630  -10.954 4.428   1.00 10.32 ? 39  ASN A CA  1 
ATOM   331 C  C   . ASN A 1 40 ? -1.363  -10.939 3.581   1.00 8.83  ? 39  ASN A C   1 
ATOM   332 O  O   . ASN A 1 40 ? -1.421  -10.677 2.382   1.00 7.43  ? 39  ASN A O   1 
ATOM   333 C  CB  . ASN A 1 40 ? -3.434  -12.233 4.179   1.00 12.24 ? 39  ASN A CB  1 
ATOM   334 C  CG  . ASN A 1 40 ? -2.770  -13.464 4.758   1.00 16.46 ? 39  ASN A CG  1 
ATOM   335 O  OD1 . ASN A 1 40 ? -1.704  -13.884 4.304   1.00 15.13 ? 39  ASN A OD1 1 
ATOM   336 N  ND2 . ASN A 1 40 ? -3.404  -14.060 5.764   1.00 22.81 ? 39  ASN A ND2 1 
ATOM   337 N  N   . CYS A 1 41 ? -0.217  -11.208 4.197   1.00 9.07  ? 40  CYS A N   1 
ATOM   338 C  CA  . CYS A 1 41 ? 1.053   -11.145 3.483   1.00 7.62  ? 40  CYS A CA  1 
ATOM   339 C  C   . CYS A 1 41 ? 1.142   -12.127 2.313   1.00 6.99  ? 40  CYS A C   1 
ATOM   340 O  O   . CYS A 1 41 ? 1.993   -11.974 1.442   1.00 8.01  ? 40  CYS A O   1 
ATOM   341 C  CB  . CYS A 1 41 ? 2.213   -11.402 4.447   1.00 6.80  ? 40  CYS A CB  1 
ATOM   342 S  SG  . CYS A 1 41 ? 2.528   -10.080 5.636   1.00 6.56  ? 40  CYS A SG  1 
ATOM   343 N  N   . GLU A 1 42 ? 0.274   -13.134 2.281   1.00 7.44  ? 41  GLU A N   1 
ATOM   344 C  CA  . GLU A 1 42 ? 0.354   -14.131 1.218   1.00 8.82  ? 41  GLU A CA  1 
ATOM   345 C  C   . GLU A 1 42 ? -0.278  -13.642 -0.087  1.00 9.55  ? 41  GLU A C   1 
ATOM   346 O  O   . GLU A 1 42 ? 0.004   -14.188 -1.155  1.00 9.37  ? 41  GLU A O   1 
ATOM   347 C  CB  . GLU A 1 42 ? -0.298  -15.437 1.667   1.00 12.45 ? 41  GLU A CB  1 
ATOM   348 C  CG  . GLU A 1 42 ? 0.551   -16.226 2.664   1.00 17.48 ? 41  GLU A CG  1 
ATOM   349 C  CD  . GLU A 1 42 ? 1.466   -17.243 1.988   1.00 38.05 ? 41  GLU A CD  1 
ATOM   350 O  OE1 . GLU A 1 42 ? 2.577   -16.866 1.549   1.00 23.67 ? 41  GLU A OE1 1 
ATOM   351 O  OE2 . GLU A 1 42 ? 1.073   -18.427 1.902   1.00 34.78 ? 41  GLU A OE2 1 
ATOM   352 N  N   . VAL A 1 43 ? -1.109  -12.606 -0.011  1.00 7.13  ? 42  VAL A N   1 
ATOM   353 C  CA  . VAL A 1 43 ? -1.764  -12.085 -1.209  1.00 6.56  ? 42  VAL A CA  1 
ATOM   354 C  C   . VAL A 1 43 ? -0.723  -11.401 -2.102  1.00 7.14  ? 42  VAL A C   1 
ATOM   355 O  O   . VAL A 1 43 ? 0.008   -10.524 -1.641  1.00 6.28  ? 42  VAL A O   1 
ATOM   356 C  CB  . VAL A 1 43 ? -2.889  -11.097 -0.855  1.00 4.05  ? 42  VAL A CB  1 
ATOM   357 C  CG1 . VAL A 1 43 ? -3.543  -10.533 -2.115  1.00 7.14  ? 42  VAL A CG1 1 
ATOM   358 C  CG2 . VAL A 1 43 ? -3.930  -11.775 0.018   1.00 8.99  ? 42  VAL A CG2 1 
ATOM   359 N  N   . PRO A 1 44 ? -0.637  -11.804 -3.386  1.00 6.34  ? 43  PRO A N   1 
ATOM   360 C  CA  . PRO A 1 44 ? 0.369   -11.198 -4.266  1.00 5.83  ? 43  PRO A CA  1 
ATOM   361 C  C   . PRO A 1 44 ? 0.272   -9.680  -4.362  1.00 7.35  ? 43  PRO A C   1 
ATOM   362 O  O   . PRO A 1 44 ? -0.807  -9.102  -4.205  1.00 5.84  ? 43  PRO A O   1 
ATOM   363 C  CB  . PRO A 1 44 ? 0.073   -11.840 -5.627  1.00 8.84  ? 43  PRO A CB  1 
ATOM   364 C  CG  . PRO A 1 44 ? -0.500  -13.165 -5.274  1.00 8.54  ? 43  PRO A CG  1 
ATOM   365 C  CD  . PRO A 1 44 ? -1.336  -12.919 -4.050  1.00 7.91  ? 43  PRO A CD  1 
ATOM   366 N  N   . GLU A 1 45 ? 1.413   -9.051  -4.621  1.00 7.14  ? 44  GLU A N   1 
ATOM   367 C  CA  . GLU A 1 45 ? 1.491   -7.617  -4.850  1.00 6.45  ? 44  GLU A CA  1 
ATOM   368 C  C   . GLU A 1 45 ? 0.774   -7.262  -6.148  1.00 7.22  ? 44  GLU A C   1 
ATOM   369 O  O   . GLU A 1 45 ? 0.984   -7.917  -7.177  1.00 8.90  ? 44  GLU A O   1 
ATOM   370 C  CB  . GLU A 1 45 ? 2.959   -7.177  -4.902  1.00 8.28  ? 44  GLU A CB  1 
ATOM   371 C  CG  . GLU A 1 45 ? 3.174   -5.690  -5.078  1.00 9.74  ? 44  GLU A CG  1 
ATOM   372 C  CD  . GLU A 1 45 ? 4.644   -5.286  -4.999  1.00 11.53 ? 44  GLU A CD  1 
ATOM   373 O  OE1 . GLU A 1 45 ? 5.314   -5.596  -3.989  1.00 8.31  ? 44  GLU A OE1 1 
ATOM   374 O  OE2 . GLU A 1 45 ? 5.133   -4.647  -5.955  1.00 18.86 ? 44  GLU A OE2 1 
ATOM   375 N  N   . GLU A 1 46 ? -0.083  -6.244  -6.095  1.00 6.48  ? 45  GLU A N   1 
ATOM   376 C  CA  . GLU A 1 46 ? -0.745  -5.735  -7.287  1.00 6.71  ? 45  GLU A CA  1 
ATOM   377 C  C   . GLU A 1 46 ? 0.273   -5.153  -8.252  1.00 8.77  ? 45  GLU A C   1 
ATOM   378 O  O   . GLU A 1 46 ? 1.264   -4.558  -7.824  1.00 8.87  ? 45  GLU A O   1 
ATOM   379 C  CB  . GLU A 1 46 ? -1.752  -4.651  -6.937  1.00 7.33  ? 45  GLU A CB  1 
ATOM   380 C  CG  . GLU A 1 46 ? -2.958  -5.109  -6.183  1.00 10.40 ? 45  GLU A CG  1 
ATOM   381 C  CD  . GLU A 1 46 ? -4.009  -4.029  -6.158  1.00 12.53 ? 45  GLU A CD  1 
ATOM   382 O  OE1 . GLU A 1 46 ? -3.933  -3.148  -5.281  1.00 9.14  ? 45  GLU A OE1 1 
ATOM   383 O  OE2 . GLU A 1 46 ? -4.895  -4.041  -7.043  1.00 14.93 ? 45  GLU A OE2 1 
ATOM   384 N  N   . PRO A 1 47 ? 0.022   -5.294  -9.558  1.00 8.85  ? 46  PRO A N   1 
ATOM   385 C  CA  . PRO A 1 47 ? 0.942   -4.695  -10.524 1.00 10.26 ? 46  PRO A CA  1 
ATOM   386 C  C   . PRO A 1 47 ? 0.798   -3.185  -10.634 1.00 14.36 ? 46  PRO A C   1 
ATOM   387 O  O   . PRO A 1 47 ? -0.219  -2.606  -10.243 1.00 12.05 ? 46  PRO A O   1 
ATOM   388 C  CB  . PRO A 1 47 ? 0.550   -5.367  -11.842 1.00 11.81 ? 46  PRO A CB  1 
ATOM   389 C  CG  . PRO A 1 47 ? -0.888  -5.704  -11.674 1.00 13.92 ? 46  PRO A CG  1 
ATOM   390 C  CD  . PRO A 1 47 ? -1.058  -6.051  -10.217 1.00 12.29 ? 46  PRO A CD  1 
ATOM   391 N  N   . GLU A 1 48 ? 1.836   -2.558  -11.173 1.00 14.49 ? 47  GLU A N   1 
ATOM   392 C  CA  . GLU A 1 48 ? 1.774   -1.164  -11.561 1.00 18.39 ? 47  GLU A CA  1 
ATOM   393 C  C   . GLU A 1 48 ? 1.009   -1.024  -12.868 1.00 18.11 ? 47  GLU A C   1 
ATOM   394 O  O   . GLU A 1 48 ? 0.849   -1.994  -13.614 1.00 18.22 ? 47  GLU A O   1 
ATOM   395 C  CB  . GLU A 1 48 ? 3.174   -0.588  -11.726 1.00 19.76 ? 47  GLU A CB  1 
ATOM   396 C  CG  . GLU A 1 48 ? 4.010   -0.630  -10.471 1.00 16.88 ? 47  GLU A CG  1 
ATOM   397 C  CD  . GLU A 1 48 ? 5.396   -0.098  -10.717 1.00 24.11 ? 47  GLU A CD  1 
ATOM   398 O  OE1 . GLU A 1 48 ? 5.499   1.075   -11.126 1.00 22.54 ? 47  GLU A OE1 1 
ATOM   399 O  OE2 . GLU A 1 48 ? 6.372   -0.857  -10.529 1.00 27.14 ? 47  GLU A OE2 1 
ATOM   400 N  N   . ASP A 1 49 ? 0.546   0.188   -13.143 1.00 19.89 ? 48  ASP A N   1 
ATOM   401 C  CA  . ASP A 1 49 ? -0.135  0.477   -14.397 1.00 22.10 ? 48  ASP A CA  1 
ATOM   402 C  C   . ASP A 1 49 ? 0.830   0.434   -15.582 1.00 23.39 ? 48  ASP A C   1 
ATOM   403 O  O   . ASP A 1 49 ? 2.052   0.486   -15.414 1.00 18.59 ? 48  ASP A O   1 
ATOM   404 C  CB  . ASP A 1 49 ? -0.816  1.842   -14.325 1.00 22.04 ? 48  ASP A CB  1 
ATOM   405 C  CG  . ASP A 1 49 ? -2.014  1.850   -13.393 1.00 22.89 ? 48  ASP A CG  1 
ATOM   406 O  OD1 . ASP A 1 49 ? -2.379  0.774   -12.870 1.00 22.81 ? 48  ASP A OD1 1 
ATOM   407 O  OD2 . ASP A 1 49 ? -2.604  2.933   -13.199 1.00 25.04 ? 48  ASP A OD2 1 
ATOM   408 N  N   . ALA B 2 1  ? 6.211   4.823   8.129   1.00 9.00  ? 1   ALA B N   1 
ATOM   409 C  CA  . ALA B 2 1  ? 6.141   3.730   7.165   1.00 5.62  ? 1   ALA B CA  1 
ATOM   410 C  C   . ALA B 2 1  ? 6.838   4.131   5.877   1.00 6.18  ? 1   ALA B C   1 
ATOM   411 O  O   . ALA B 2 1  ? 6.978   5.319   5.590   1.00 9.02  ? 1   ALA B O   1 
ATOM   412 C  CB  . ALA B 2 1  ? 4.698   3.359   6.890   1.00 8.32  ? 1   ALA B CB  1 
ATOM   413 N  N   . ARG B 2 2  ? 7.262   3.134   5.107   1.00 5.59  ? 2   ARG B N   1 
ATOM   414 C  CA  . ARG B 2 2  ? 7.876   3.371   3.807   1.00 5.92  ? 2   ARG B CA  1 
ATOM   415 C  C   . ARG B 2 2  ? 6.805   3.495   2.736   1.00 5.50  ? 2   ARG B C   1 
ATOM   416 O  O   . ARG B 2 2  ? 6.031   2.562   2.522   1.00 6.55  ? 2   ARG B O   1 
ATOM   417 C  CB  . ARG B 2 2  ? 8.830   2.237   3.445   1.00 6.85  ? 2   ARG B CB  1 
ATOM   418 C  CG  . ARG B 2 2  ? 9.679   2.521   2.218   1.00 7.51  ? 2   ARG B CG  1 
ATOM   419 C  CD  . ARG B 2 2  ? 10.360  1.265   1.692   1.00 8.30  ? 2   ARG B CD  1 
ATOM   420 N  NE  . ARG B 2 2  ? 11.469  1.608   0.806   1.00 8.34  ? 2   ARG B NE  1 
ATOM   421 C  CZ  . ARG B 2 2  ? 12.739  1.700   1.191   1.00 7.32  ? 2   ARG B CZ  1 
ATOM   422 N  NH1 . ARG B 2 2  ? 13.087  1.452   2.447   1.00 8.31  ? 2   ARG B NH1 1 
ATOM   423 N  NH2 . ARG B 2 2  ? 13.671  2.029   0.311   1.00 7.55  ? 2   ARG B NH2 1 
ATOM   424 N  N   . THR B 2 3  ? 6.764   4.638   2.058   1.00 6.25  ? 3   THR B N   1 
ATOM   425 C  CA  . THR B 2 3  ? 5.780   4.857   1.007   1.00 6.58  ? 3   THR B CA  1 
ATOM   426 C  C   . THR B 2 3  ? 6.428   5.245   -0.312  1.00 7.25  ? 3   THR B C   1 
ATOM   427 O  O   . THR B 2 3  ? 7.592   5.640   -0.367  1.00 7.01  ? 3   THR B O   1 
ATOM   428 C  CB  . THR B 2 3  ? 4.769   5.951   1.392   1.00 8.21  ? 3   THR B CB  1 
ATOM   429 O  OG1 . THR B 2 3  ? 5.455   7.190   1.600   1.00 11.70 ? 3   THR B OG1 1 
ATOM   430 C  CG2 . THR B 2 3  ? 4.014   5.567   2.658   1.00 8.92  ? 3   THR B CG2 1 
HETATM 431 N  N   . M3L B 2 4  ? 5.653   5.104   -1.380  1.00 6.88  ? 4   M3L B N   1 
HETATM 432 C  CA  . M3L B 2 4  ? 6.028   5.589   -2.684  1.00 7.20  ? 4   M3L B CA  1 
HETATM 433 C  CB  . M3L B 2 4  ? 6.754   4.559   -3.567  1.00 7.57  ? 4   M3L B CB  1 
HETATM 434 C  CG  . M3L B 2 4  ? 5.827   3.447   -4.010  1.00 8.33  ? 4   M3L B CG  1 
HETATM 435 C  CD  . M3L B 2 4  ? 6.619   2.374   -4.737  1.00 8.51  ? 4   M3L B CD  1 
HETATM 436 C  CE  . M3L B 2 4  ? 5.648   1.330   -5.280  1.00 7.68  ? 4   M3L B CE  1 
HETATM 437 N  NZ  . M3L B 2 4  ? 6.180   0.368   -6.321  1.00 10.48 ? 4   M3L B NZ  1 
HETATM 438 C  C   . M3L B 2 4  ? 4.781   6.037   -3.419  1.00 7.77  ? 4   M3L B C   1 
HETATM 439 O  O   . M3L B 2 4  ? 3.647   5.717   -3.051  1.00 7.34  ? 4   M3L B O   1 
HETATM 440 C  CM1 . M3L B 2 4  ? 7.417   -0.306  -5.840  1.00 11.32 ? 4   M3L B CM1 1 
HETATM 441 C  CM2 . M3L B 2 4  ? 6.501   1.055   -7.608  1.00 14.12 ? 4   M3L B CM2 1 
HETATM 442 C  CM3 . M3L B 2 4  ? 5.114   -0.652  -6.566  1.00 11.93 ? 4   M3L B CM3 1 
ATOM   443 N  N   . GLN B 2 5  ? 5.003   6.791   -4.493  1.00 9.10  ? 5   GLN B N   1 
ATOM   444 C  CA  . GLN B 2 5  ? 3.927   7.266   -5.354  1.00 11.31 ? 5   GLN B CA  1 
ATOM   445 C  C   . GLN B 2 5  ? 4.149   6.773   -6.780  1.00 11.32 ? 5   GLN B C   1 
ATOM   446 O  O   . GLN B 2 5  ? 5.274   6.792   -7.273  1.00 14.02 ? 5   GLN B O   1 
ATOM   447 C  CB  . GLN B 2 5  ? 3.847   8.796   -5.345  1.00 15.09 ? 5   GLN B CB  1 
ATOM   448 C  CG  . GLN B 2 5  ? 3.968   9.440   -3.964  1.00 24.58 ? 5   GLN B CG  1 
ATOM   449 C  CD  . GLN B 2 5  ? 2.651   9.501   -3.225  1.00 28.37 ? 5   GLN B CD  1 
ATOM   450 O  OE1 . GLN B 2 5  ? 2.477   8.859   -2.187  1.00 26.36 ? 5   GLN B OE1 1 
ATOM   451 N  NE2 . GLN B 2 5  ? 1.717   10.293  -3.745  1.00 33.80 ? 5   GLN B NE2 1 
ATOM   452 N  N   . THR B 2 6  ? 3.076   6.338   -7.437  1.00 10.40 ? 6   THR B N   1 
ATOM   453 C  CA  . THR B 2 6  ? 3.135   5.929   -8.841  1.00 11.65 ? 6   THR B CA  1 
ATOM   454 C  C   . THR B 2 6  ? 2.089   6.648   -9.685  1.00 11.68 ? 6   THR B C   1 
ATOM   455 O  O   . THR B 2 6  ? 1.080   7.136   -9.173  1.00 10.69 ? 6   THR B O   1 
ATOM   456 C  CB  . THR B 2 6  ? 2.906   4.420   -9.012  1.00 11.58 ? 6   THR B CB  1 
ATOM   457 O  OG1 . THR B 2 6  ? 1.574   4.088   -8.599  1.00 11.72 ? 6   THR B OG1 1 
ATOM   458 C  CG2 . THR B 2 6  ? 3.907   3.623   -8.203  1.00 12.51 ? 6   THR B CG2 1 
ATOM   459 N  N   . ALA B 2 7  ? 2.331   6.683   -10.989 1.00 10.49 ? 7   ALA B N   1 
ATOM   460 C  CA  . ALA B 2 7  ? 1.379   7.248   -11.934 1.00 14.16 ? 7   ALA B CA  1 
ATOM   461 C  C   . ALA B 2 7  ? 0.085   6.442   -11.956 1.00 12.42 ? 7   ALA B C   1 
ATOM   462 O  O   . ALA B 2 7  ? 0.104   5.213   -11.897 1.00 18.43 ? 7   ALA B O   1 
ATOM   463 C  CB  . ALA B 2 7  ? 1.991   7.300   -13.326 1.00 17.76 ? 7   ALA B CB  1 
ATOM   464 N  N   . ARG B 2 8  ? -1.035  7.154   -12.034 1.00 17.12 ? 8   ARG B N   1 
ATOM   465 C  CA  . ARG B 2 8  ? -2.357  6.543   -12.129 1.00 18.84 ? 8   ARG B CA  1 
ATOM   466 C  C   . ARG B 2 8  ? -3.123  7.270   -13.235 1.00 22.56 ? 8   ARG B C   1 
ATOM   467 O  O   . ARG B 2 8  ? -3.630  8.374   -13.030 1.00 23.30 ? 8   ARG B O   1 
ATOM   468 C  CB  . ARG B 2 8  ? -3.089  6.628   -10.782 1.00 17.15 ? 8   ARG B CB  1 
ATOM   469 C  CG  . ARG B 2 8  ? -4.425  5.897   -10.722 1.00 16.95 ? 8   ARG B CG  1 
ATOM   470 C  CD  . ARG B 2 8  ? -4.991  5.914   -9.305  1.00 14.13 ? 8   ARG B CD  1 
ATOM   471 N  NE  . ARG B 2 8  ? -5.212  7.275   -8.823  1.00 13.95 ? 8   ARG B NE  1 
ATOM   472 C  CZ  . ARG B 2 8  ? -5.343  7.624   -7.545  1.00 11.81 ? 8   ARG B CZ  1 
ATOM   473 N  NH1 . ARG B 2 8  ? -5.270  6.719   -6.578  1.00 12.28 ? 8   ARG B NH1 1 
ATOM   474 N  NH2 . ARG B 2 8  ? -5.537  8.896   -7.228  1.00 15.64 ? 8   ARG B NH2 1 
ATOM   475 N  N   . LYS B 2 9  ? -3.183  6.652   -14.411 1.00 30.70 ? 9   LYS B N   1 
ATOM   476 C  CA  . LYS B 2 9  ? -3.731  7.306   -15.601 1.00 32.24 ? 9   LYS B CA  1 
ATOM   477 C  C   . LYS B 2 9  ? -5.174  7.765   -15.407 1.00 29.43 ? 9   LYS B C   1 
ATOM   478 O  O   . LYS B 2 9  ? -5.579  8.805   -15.929 1.00 30.55 ? 9   LYS B O   1 
ATOM   479 C  CB  . LYS B 2 9  ? -3.665  6.367   -16.809 1.00 34.52 ? 9   LYS B CB  1 
ATOM   480 C  CG  . LYS B 2 9  ? -2.318  5.693   -17.015 1.00 37.66 ? 9   LYS B CG  1 
ATOM   481 C  CD  . LYS B 2 9  ? -2.409  4.196   -16.766 1.00 37.83 ? 9   LYS B CD  1 
ATOM   482 C  CE  . LYS B 2 9  ? -3.163  3.485   -17.882 1.00 40.15 ? 9   LYS B CE  1 
ATOM   483 N  NZ  . LYS B 2 9  ? -3.263  2.020   -17.640 1.00 41.20 ? 9   LYS B NZ  1 
ATOM   484 N  N   . SER B 2 10 ? -5.948  6.986   -14.655 1.00 31.53 ? 10  SER B N   1 
ATOM   485 C  CA  . SER B 2 10 ? -7.369  7.267   -14.472 1.00 34.64 ? 10  SER B CA  1 
ATOM   486 C  C   . SER B 2 10 ? -7.606  8.595   -13.749 1.00 29.61 ? 10  SER B C   1 
ATOM   487 O  O   . SER B 2 10 ? -8.712  9.136   -13.790 1.00 24.33 ? 10  SER B O   1 
ATOM   488 C  CB  . SER B 2 10 ? -8.038  6.125   -13.701 1.00 32.49 ? 10  SER B CB  1 
ATOM   489 O  OG  . SER B 2 10 ? -7.643  6.119   -12.341 1.00 28.90 ? 10  SER B OG  1 
ATOM   490 N  N   . THR B 2 11 ? -6.569  9.113   -13.096 1.00 25.67 ? 11  THR B N   1 
ATOM   491 C  CA  . THR B 2 11 ? -6.658  10.387  -12.391 1.00 26.94 ? 11  THR B CA  1 
ATOM   492 C  C   . THR B 2 11 ? -5.463  11.280  -12.708 1.00 30.06 ? 11  THR B C   1 
ATOM   493 O  O   . THR B 2 11 ? -5.249  12.297  -12.047 1.00 28.98 ? 11  THR B O   1 
ATOM   494 C  CB  . THR B 2 11 ? -6.734  10.184  -10.865 1.00 24.56 ? 11  THR B CB  1 
ATOM   495 O  OG1 . THR B 2 11 ? -5.543  9.519   -10.412 1.00 22.53 ? 11  THR B OG1 1 
ATOM   496 C  CG2 . THR B 2 11 ? -7.956  9.356   -10.500 1.00 17.24 ? 11  THR B CG2 1 
HETATM 497 ZN ZN  . ZN  C 3 .  ? 2.897   -8.282  4.257   1.00 5.56  ? 100 ZN  A ZN  1 
HETATM 498 O  O   . HOH D 4 .  ? -2.853  15.101  -9.317  1.00 28.39 ? 201 HOH A O   1 
HETATM 499 O  O   . HOH D 4 .  ? -1.950  9.646   -2.718  1.00 39.70 ? 202 HOH A O   1 
HETATM 500 O  O   . HOH D 4 .  ? -3.111  5.639   9.369   1.00 34.91 ? 203 HOH A O   1 
HETATM 501 O  O   . HOH D 4 .  ? -1.599  16.426  5.782   1.00 29.84 ? 204 HOH A O   1 
HETATM 502 O  O   . HOH D 4 .  ? -4.879  0.539   12.379  1.00 30.01 ? 205 HOH A O   1 
HETATM 503 O  O   . HOH D 4 .  ? 2.195   -0.893  12.878  1.00 26.40 ? 206 HOH A O   1 
HETATM 504 O  O   . HOH D 4 .  ? -2.864  10.483  -4.169  1.00 28.86 ? 207 HOH A O   1 
HETATM 505 O  O   . HOH D 4 .  ? -9.986  -3.617  -3.607  1.00 28.24 ? 208 HOH A O   1 
HETATM 506 O  O   . HOH D 4 .  ? -7.232  -11.193 -1.831  1.00 12.56 ? 209 HOH A O   1 
HETATM 507 O  O   . HOH D 4 .  ? -7.392  13.144  -9.108  1.00 15.85 ? 210 HOH A O   1 
HETATM 508 O  O   . HOH D 4 .  ? 6.300   -3.324  14.720  1.00 22.55 ? 211 HOH A O   1 
HETATM 509 O  O   . HOH D 4 .  ? -4.534  -4.856  -9.534  1.00 23.01 ? 212 HOH A O   1 
HETATM 510 O  O   . HOH D 4 .  ? 3.821   -3.532  -7.976  1.00 16.79 ? 213 HOH A O   1 
HETATM 511 O  O   . HOH D 4 .  ? -2.872  -2.500  -10.285 1.00 27.18 ? 214 HOH A O   1 
HETATM 512 O  O   . HOH D 4 .  ? -6.255  -1.981  -4.700  1.00 11.65 ? 215 HOH A O   1 
HETATM 513 O  O   . HOH D 4 .  ? 10.318  -2.052  4.697   1.00 11.96 ? 216 HOH A O   1 
HETATM 514 O  O   . HOH D 4 .  ? -5.761  -7.606  10.487  1.00 9.18  ? 217 HOH A O   1 
HETATM 515 O  O   . HOH D 4 .  ? -2.496  -3.275  -3.037  1.00 6.68  ? 218 HOH A O   1 
HETATM 516 O  O   . HOH D 4 .  ? -5.972  -1.775  -7.963  1.00 18.44 ? 219 HOH A O   1 
HETATM 517 O  O   . HOH D 4 .  ? -5.673  0.113   1.129   1.00 9.85  ? 220 HOH A O   1 
HETATM 518 O  O   . HOH D 4 .  ? 6.729   -11.283 0.164   1.00 13.92 ? 221 HOH A O   1 
HETATM 519 O  O   . HOH D 4 .  ? -3.274  6.768   -2.839  1.00 7.89  ? 222 HOH A O   1 
HETATM 520 O  O   . HOH D 4 .  ? -0.430  -5.057  -3.431  1.00 5.23  ? 223 HOH A O   1 
HETATM 521 O  O   . HOH D 4 .  ? 4.116   2.929   -12.514 1.00 22.44 ? 224 HOH A O   1 
HETATM 522 O  O   . HOH D 4 .  ? -6.470  -1.811  -1.954  1.00 8.41  ? 225 HOH A O   1 
HETATM 523 O  O   . HOH D 4 .  ? 7.704   -4.064  -6.559  1.00 26.08 ? 226 HOH A O   1 
HETATM 524 O  O   . HOH D 4 .  ? -0.301  -9.387  -9.050  1.00 14.82 ? 227 HOH A O   1 
HETATM 525 O  O   . HOH D 4 .  ? 5.112   11.382  -8.142  1.00 35.61 ? 228 HOH A O   1 
HETATM 526 O  O   . HOH D 4 .  ? -2.448  7.926   0.758   1.00 17.13 ? 229 HOH A O   1 
HETATM 527 O  O   . HOH D 4 .  ? 12.422  -1.530  0.859   1.00 16.27 ? 230 HOH A O   1 
HETATM 528 O  O   . HOH D 4 .  ? -3.985  -2.427  -0.848  1.00 5.85  ? 231 HOH A O   1 
HETATM 529 O  O   . HOH D 4 .  ? -1.119  -3.587  -14.650 1.00 15.56 ? 232 HOH A O   1 
HETATM 530 O  O   . HOH D 4 .  ? -9.889  -9.104  -6.425  1.00 9.99  ? 233 HOH A O   1 
HETATM 531 O  O   . HOH D 4 .  ? -3.553  2.641   -8.920  1.00 14.58 ? 234 HOH A O   1 
HETATM 532 O  O   . HOH D 4 .  ? 6.488   0.534   5.908   1.00 7.21  ? 235 HOH A O   1 
HETATM 533 O  O   . HOH D 4 .  ? 2.327   -15.613 -1.528  1.00 25.88 ? 236 HOH A O   1 
HETATM 534 O  O   . HOH D 4 .  ? 1.590   2.185   -11.553 1.00 23.46 ? 237 HOH A O   1 
HETATM 535 O  O   . HOH D 4 .  ? 2.514   12.676  -6.075  1.00 30.00 ? 238 HOH A O   1 
HETATM 536 O  O   . HOH D 4 .  ? 9.731   6.621   13.773  1.00 16.17 ? 239 HOH A O   1 
HETATM 537 O  O   . HOH D 4 .  ? 8.871   5.685   8.619   1.00 10.07 ? 240 HOH A O   1 
HETATM 538 O  O   . HOH D 4 .  ? -8.956  -10.036 5.156   1.00 23.10 ? 241 HOH A O   1 
HETATM 539 O  O   . HOH D 4 .  ? -0.988  10.025  -11.879 1.00 25.73 ? 242 HOH A O   1 
HETATM 540 O  O   . HOH D 4 .  ? -5.766  -13.288 7.031   1.00 28.15 ? 243 HOH A O   1 
HETATM 541 O  O   . HOH D 4 .  ? 2.988   -9.856  -7.579  1.00 19.49 ? 244 HOH A O   1 
HETATM 542 O  O   . HOH D 4 .  ? -12.359 -4.307  -0.796  1.00 28.57 ? 245 HOH A O   1 
HETATM 543 O  O   . HOH D 4 .  ? -12.566 -7.358  8.408   1.00 33.80 ? 246 HOH A O   1 
HETATM 544 O  O   . HOH D 4 .  ? -6.357  -10.515 2.906   1.00 17.82 ? 247 HOH A O   1 
HETATM 545 O  O   . HOH D 4 .  ? -12.513 -6.435  -6.174  1.00 13.67 ? 248 HOH A O   1 
HETATM 546 O  O   . HOH D 4 .  ? 8.089   -8.829  -1.382  1.00 19.37 ? 249 HOH A O   1 
HETATM 547 O  O   . HOH D 4 .  ? 8.033   -6.298  -3.221  1.00 20.49 ? 250 HOH A O   1 
HETATM 548 O  O   . HOH D 4 .  ? -6.944  -0.276  8.760   1.00 21.75 ? 251 HOH A O   1 
HETATM 549 O  O   . HOH D 4 .  ? -4.812  0.438   -11.375 1.00 36.59 ? 252 HOH A O   1 
HETATM 550 O  O   . HOH D 4 .  ? 11.362  1.009   11.424  1.00 18.86 ? 253 HOH A O   1 
HETATM 551 O  O   . HOH D 4 .  ? 10.880  -2.529  -3.256  1.00 20.75 ? 254 HOH A O   1 
HETATM 552 O  O   . HOH D 4 .  ? 9.140   -5.515  11.371  1.00 33.46 ? 255 HOH A O   1 
HETATM 553 O  O   . HOH D 4 .  ? 7.211   -2.839  -12.509 1.00 41.61 ? 256 HOH A O   1 
HETATM 554 O  O   . HOH D 4 .  ? -5.327  -11.188 7.496   1.00 25.24 ? 257 HOH A O   1 
HETATM 555 O  O   . HOH D 4 .  ? 5.008   1.522   14.481  1.00 14.86 ? 258 HOH A O   1 
HETATM 556 O  O   . HOH D 4 .  ? -3.357  1.392   7.347   1.00 15.60 ? 259 HOH A O   1 
HETATM 557 O  O   . HOH D 4 .  ? -0.609  -11.519 7.135   1.00 18.62 ? 260 HOH A O   1 
HETATM 558 O  O   . HOH D 4 .  ? 11.328  -8.847  6.623   1.00 37.65 ? 261 HOH A O   1 
HETATM 559 O  O   . HOH D 4 .  ? -2.620  2.892   9.321   1.00 33.70 ? 262 HOH A O   1 
HETATM 560 O  O   . HOH D 4 .  ? -4.251  9.391   7.389   1.00 27.44 ? 263 HOH A O   1 
HETATM 561 O  O   . HOH D 4 .  ? -2.631  10.714  -1.200  1.00 30.14 ? 264 HOH A O   1 
HETATM 562 O  O   . HOH D 4 .  ? 3.931   -4.373  -12.449 1.00 24.93 ? 265 HOH A O   1 
HETATM 563 O  O   . HOH D 4 .  ? -5.329  4.050   -14.003 1.00 35.55 ? 266 HOH A O   1 
HETATM 564 O  O   . HOH D 4 .  ? -1.517  -16.770 -1.759  1.00 24.25 ? 267 HOH A O   1 
HETATM 565 O  O   . HOH D 4 .  ? 0.654   -2.144  10.805  1.00 15.10 ? 268 HOH A O   1 
HETATM 566 O  O   . HOH D 4 .  ? -1.247  13.125  -5.821  1.00 29.83 ? 269 HOH A O   1 
HETATM 567 O  O   . HOH D 4 .  ? -4.944  14.545  8.135   1.00 28.44 ? 270 HOH A O   1 
HETATM 568 O  O   . HOH D 4 .  ? 3.408   8.970   8.219   1.00 21.29 ? 271 HOH A O   1 
HETATM 569 O  O   . HOH D 4 .  ? 0.604   2.774   -17.424 1.00 22.81 ? 272 HOH A O   1 
HETATM 570 O  O   . HOH D 4 .  ? -6.768  -14.265 5.285   1.00 32.02 ? 273 HOH A O   1 
HETATM 571 O  O   . HOH D 4 .  ? -1.865  1.075   13.686  1.00 37.83 ? 274 HOH A O   1 
HETATM 572 O  O   . HOH D 4 .  ? 7.471   -7.076  -7.222  1.00 34.77 ? 275 HOH A O   1 
HETATM 573 O  O   . HOH D 4 .  ? 8.227   1.312   15.668  1.00 24.53 ? 276 HOH A O   1 
HETATM 574 O  O   . HOH D 4 .  ? -8.339  -3.596  -5.734  1.00 24.81 ? 277 HOH A O   1 
HETATM 575 O  O   . HOH D 4 .  ? 8.451   -4.036  16.306  1.00 36.26 ? 278 HOH A O   1 
HETATM 576 O  O   . HOH D 4 .  ? -2.719  -8.430  -8.337  1.00 16.79 ? 279 HOH A O   1 
HETATM 577 O  O   . HOH D 4 .  ? -7.310  0.482   -0.716  1.00 19.87 ? 280 HOH A O   1 
HETATM 578 O  O   . HOH D 4 .  ? -11.204 -10.090 7.226   1.00 28.70 ? 281 HOH A O   1 
HETATM 579 O  O   . HOH D 4 .  ? -6.992  -11.484 5.667   1.00 22.87 ? 282 HOH A O   1 
HETATM 580 O  O   . HOH D 4 .  ? 11.237  -1.547  -5.549  1.00 36.55 ? 283 HOH A O   1 
HETATM 581 O  O   . HOH D 4 .  ? 12.316  -3.626  5.812   1.00 31.28 ? 284 HOH A O   1 
HETATM 582 O  O   . HOH D 4 .  ? 5.291   -2.964  -14.150 1.00 21.49 ? 285 HOH A O   1 
HETATM 583 O  O   . HOH D 4 .  ? 0.069   -0.370  14.103  1.00 28.29 ? 286 HOH A O   1 
HETATM 584 O  O   . HOH D 4 .  ? -6.882  0.591   -5.399  1.00 23.68 ? 287 HOH A O   1 
HETATM 585 O  O   . HOH D 4 .  ? -7.067  -16.410 6.768   1.00 27.45 ? 288 HOH A O   1 
HETATM 586 O  O   . HOH D 4 .  ? -10.516 2.877   2.979   1.00 33.54 ? 289 HOH A O   1 
HETATM 587 O  O   . HOH D 4 .  ? -9.306  4.170   4.647   1.00 30.73 ? 290 HOH A O   1 
HETATM 588 O  O   . HOH E 4 .  ? -2.489  0.021   -16.834 1.00 20.42 ? 101 HOH B O   1 
HETATM 589 O  O   . HOH E 4 .  ? 8.657   7.140   4.717   1.00 15.96 ? 102 HOH B O   1 
HETATM 590 O  O   . HOH E 4 .  ? -0.616  3.240   -9.940  1.00 20.95 ? 103 HOH B O   1 
HETATM 591 O  O   . HOH E 4 .  ? 7.185   4.901   -7.714  1.00 20.57 ? 104 HOH B O   1 
HETATM 592 O  O   . HOH E 4 .  ? 5.559   8.252   4.149   1.00 26.23 ? 105 HOH B O   1 
HETATM 593 O  O   . HOH E 4 .  ? 5.245   8.703   -0.712  1.00 23.39 ? 106 HOH B O   1 
HETATM 594 O  O   . HOH E 4 .  ? 6.683   9.077   -7.968  1.00 25.43 ? 107 HOH B O   1 
HETATM 595 O  O   . HOH E 4 .  ? 11.997  0.139   4.756   0.50 9.63  ? 108 HOH B O   1 
HETATM 596 O  O   . HOH E 4 .  ? 4.854   5.398   -11.736 0.50 13.29 ? 109 HOH B O   1 
HETATM 597 O  O   . HOH E 4 .  ? 7.825   7.669   -4.689  1.00 15.90 ? 110 HOH B O   1 
HETATM 598 O  O   . HOH E 4 .  ? 4.926   7.450   7.428   1.00 22.48 ? 111 HOH B O   1 
HETATM 599 O  O   . HOH E 4 .  ? 8.453   8.482   0.187   1.00 29.45 ? 112 HOH B O   1 
HETATM 600 O  O   . HOH E 4 .  ? 7.236   9.238   -2.157  1.00 24.90 ? 113 HOH B O   1 
# 
